data_3K1L
#
_entry.id   3K1L
#
_cell.length_a   188.680
_cell.length_b   188.680
_cell.length_c   259.360
_cell.angle_alpha   90.00
_cell.angle_beta   90.00
_cell.angle_gamma   120.00
#
_symmetry.space_group_name_H-M   'H 3 2'
#
loop_
_entity.id
_entity.type
_entity.pdbx_description
1 polymer Fancl
2 branched alpha-D-glucopyranose-(1-4)-alpha-D-glucopyranose
3 non-polymer 'ZINC ION'
4 non-polymer 'GOLD ION'
5 non-polymer 'CITRIC ACID'
6 water water
#
_entity_poly.entity_id   1
_entity_poly.type   'polypeptide(L)'
_entity_poly.pdbx_seq_one_letter_code
;MESNEDVERLLCQKYPGLAAELQPSGACIIRGVLGSEDTWRRLKLYLPHHPALHGFQLYVQESLEYKLYTSANLKLQDDW
LLEDFLDHLPKILPAQKAPTVPKELCREGNIYYDILALYKSNEYCLQVDEACSMIRFSEFTDFEQHYLELKIPSLLLLDH
SLPDCVSLGEMLTKSAGNLEEALNLFRKLLEDLRPFYDNFMDIDELCHVLQPSPISSKHKTRLFPLKDRVYLKLTIADPF
ACIASMSLKIIGPTEEVARLRHVLSDGLSNWDSEMNIHKNLLRMFDLCYFPMPDWSDGPKLDEEDNEELRCNICFAYRLD
GGEVPLVSCDNAKCVLKCHAVCLEEWFKTLMDGKTFLEVSFGQCPFCKAKLSTSFAALLND
;
_entity_poly.pdbx_strand_id   B,A
#
# COMPACT_ATOMS: atom_id res chain seq x y z
N ASP A 6 -22.20 12.44 15.10
CA ASP A 6 -23.61 12.67 15.35
C ASP A 6 -24.50 11.52 14.87
N VAL A 7 -24.68 11.42 13.55
CA VAL A 7 -25.50 10.36 12.98
C VAL A 7 -24.62 9.26 12.38
N GLU A 8 -23.48 9.62 11.81
CA GLU A 8 -22.54 8.62 11.32
C GLU A 8 -22.05 7.84 12.53
N ARG A 9 -22.21 8.42 13.71
CA ARG A 9 -21.95 7.71 14.96
C ARG A 9 -22.80 6.45 15.00
N LEU A 10 -24.12 6.64 15.10
CA LEU A 10 -25.06 5.53 15.10
C LEU A 10 -24.83 4.66 13.88
N LEU A 11 -24.42 5.29 12.77
CA LEU A 11 -24.14 4.56 11.55
C LEU A 11 -22.90 3.68 11.73
N CYS A 12 -21.89 4.19 12.45
CA CYS A 12 -20.67 3.41 12.68
C CYS A 12 -20.88 2.17 13.55
N GLN A 13 -21.53 2.34 14.70
CA GLN A 13 -21.71 1.24 15.64
C GLN A 13 -22.63 0.16 15.07
N LYS A 14 -23.81 0.58 14.62
CA LYS A 14 -24.86 -0.34 14.20
C LYS A 14 -24.93 -0.65 12.70
N TYR A 15 -24.45 0.27 11.86
CA TYR A 15 -24.51 0.08 10.39
C TYR A 15 -23.23 0.52 9.64
N PRO A 16 -22.19 -0.35 9.65
CA PRO A 16 -20.89 0.00 9.05
C PRO A 16 -20.98 0.19 7.54
N GLY A 17 -22.03 -0.36 6.94
CA GLY A 17 -22.17 -0.37 5.50
C GLY A 17 -22.99 0.78 4.96
N LEU A 18 -23.32 1.74 5.81
CA LEU A 18 -24.07 2.91 5.37
C LEU A 18 -23.22 4.18 5.47
N ALA A 19 -23.50 5.14 4.59
CA ALA A 19 -22.80 6.42 4.60
C ALA A 19 -23.79 7.57 4.59
N ALA A 20 -23.93 8.25 5.73
CA ALA A 20 -24.88 9.34 5.86
C ALA A 20 -24.24 10.66 5.42
N GLU A 21 -24.64 11.13 4.24
CA GLU A 21 -24.12 12.38 3.72
C GLU A 21 -25.14 13.50 3.88
N LEU A 22 -24.80 14.49 4.70
CA LEU A 22 -25.69 15.63 4.89
C LEU A 22 -25.63 16.56 3.69
N GLN A 23 -26.60 17.45 3.58
CA GLN A 23 -26.56 18.51 2.58
C GLN A 23 -26.62 19.84 3.32
N PRO A 24 -25.94 20.86 2.79
CA PRO A 24 -26.11 22.20 3.35
C PRO A 24 -27.57 22.62 3.22
N SER A 25 -28.32 21.89 2.41
CA SER A 25 -29.75 22.11 2.19
C SER A 25 -30.61 21.50 3.30
N GLY A 26 -30.07 21.46 4.52
CA GLY A 26 -30.80 20.94 5.67
C GLY A 26 -31.34 19.54 5.51
N ALA A 27 -30.88 18.84 4.49
CA ALA A 27 -31.38 17.50 4.17
C ALA A 27 -30.32 16.46 4.52
N CYS A 28 -30.63 15.20 4.22
CA CYS A 28 -29.69 14.11 4.48
C CYS A 28 -29.91 12.94 3.52
N ILE A 29 -28.83 12.50 2.86
CA ILE A 29 -28.90 11.30 2.02
C ILE A 29 -28.07 10.18 2.62
N ILE A 30 -28.71 9.03 2.85
CA ILE A 30 -28.02 7.86 3.34
C ILE A 30 -27.97 6.78 2.27
N ARG A 31 -26.76 6.46 1.79
CA ARG A 31 -26.59 5.34 0.88
C ARG A 31 -25.78 4.27 1.58
N GLY A 32 -25.72 3.10 0.97
CA GLY A 32 -24.96 2.01 1.55
C GLY A 32 -25.71 0.69 1.55
N VAL A 33 -25.34 -0.19 2.46
CA VAL A 33 -25.98 -1.48 2.55
C VAL A 33 -26.52 -1.72 3.95
N LEU A 34 -27.79 -2.09 4.02
CA LEU A 34 -28.40 -2.50 5.25
C LEU A 34 -28.59 -4.01 5.19
N GLY A 35 -28.32 -4.71 6.29
CA GLY A 35 -28.42 -6.16 6.28
C GLY A 35 -29.16 -6.83 7.43
N SER A 36 -29.79 -7.96 7.12
CA SER A 36 -30.38 -8.85 8.12
C SER A 36 -29.60 -10.16 8.06
N GLU A 37 -29.96 -11.12 8.90
CA GLU A 37 -29.17 -12.35 8.95
C GLU A 37 -29.19 -13.10 7.63
N ASP A 38 -30.32 -13.05 6.92
CA ASP A 38 -30.48 -13.86 5.72
C ASP A 38 -30.78 -13.04 4.47
N THR A 39 -30.36 -11.78 4.49
CA THR A 39 -30.47 -10.93 3.32
C THR A 39 -29.88 -9.54 3.55
N TRP A 40 -29.51 -8.87 2.46
CA TRP A 40 -28.97 -7.52 2.51
C TRP A 40 -29.50 -6.75 1.32
N ARG A 41 -29.57 -5.42 1.42
CA ARG A 41 -29.98 -4.62 0.27
C ARG A 41 -29.09 -3.40 0.01
N ARG A 42 -28.89 -3.09 -1.27
CA ARG A 42 -28.25 -1.86 -1.68
C ARG A 42 -29.28 -0.73 -1.56
N LEU A 43 -28.86 0.38 -0.97
CA LEU A 43 -29.81 1.34 -0.42
C LEU A 43 -29.43 2.79 -0.68
N LYS A 44 -30.44 3.62 -0.93
CA LYS A 44 -30.23 5.07 -0.99
C LYS A 44 -31.46 5.76 -0.39
N LEU A 45 -31.27 6.42 0.75
CA LEU A 45 -32.38 7.03 1.46
C LEU A 45 -32.26 8.55 1.47
N TYR A 46 -33.24 9.22 0.86
CA TYR A 46 -33.39 10.68 0.89
C TYR A 46 -34.26 11.07 2.07
N LEU A 47 -33.82 12.02 2.86
CA LEU A 47 -34.62 12.47 4.01
C LEU A 47 -34.77 13.98 4.01
N PRO A 48 -35.79 14.49 3.30
CA PRO A 48 -36.06 15.92 3.15
C PRO A 48 -36.05 16.65 4.48
N HIS A 49 -36.41 15.97 5.56
CA HIS A 49 -36.50 16.66 6.84
C HIS A 49 -35.77 15.97 8.00
N HIS A 50 -34.56 15.46 7.78
CA HIS A 50 -33.78 14.91 8.88
C HIS A 50 -33.93 15.90 10.01
N PRO A 51 -34.29 15.44 11.22
CA PRO A 51 -34.48 14.08 11.71
C PRO A 51 -35.89 13.52 11.58
N ALA A 52 -36.80 14.26 10.96
CA ALA A 52 -38.14 13.74 10.69
C ALA A 52 -38.12 12.84 9.45
N LEU A 53 -38.83 11.71 9.53
CA LEU A 53 -38.79 10.74 8.45
C LEU A 53 -39.73 11.05 7.30
N HIS A 54 -40.87 11.68 7.59
CA HIS A 54 -41.88 11.93 6.56
C HIS A 54 -41.25 12.63 5.36
N GLY A 55 -41.81 12.38 4.19
CA GLY A 55 -41.25 12.92 2.97
C GLY A 55 -40.04 12.12 2.52
N PHE A 56 -39.78 11.02 3.22
CA PHE A 56 -38.65 10.15 2.91
C PHE A 56 -38.73 9.53 1.53
N GLN A 57 -37.58 9.22 0.96
CA GLN A 57 -37.49 8.65 -0.38
C GLN A 57 -36.46 7.53 -0.42
N LEU A 58 -36.93 6.28 -0.38
CA LEU A 58 -36.05 5.12 -0.28
C LEU A 58 -35.86 4.42 -1.61
N TYR A 59 -34.61 4.31 -2.04
CA TYR A 59 -34.29 3.58 -3.25
C TYR A 59 -33.58 2.27 -2.93
N VAL A 60 -34.26 1.16 -3.18
CA VAL A 60 -33.68 -0.15 -2.91
C VAL A 60 -33.48 -0.89 -4.23
N GLN A 61 -32.29 -1.42 -4.46
CA GLN A 61 -32.03 -2.13 -5.71
C GLN A 61 -32.65 -3.52 -5.64
N GLU A 62 -33.70 -3.71 -6.43
CA GLU A 62 -34.50 -4.93 -6.39
C GLU A 62 -33.81 -6.04 -7.17
N SER A 63 -33.08 -5.63 -8.20
CA SER A 63 -32.32 -6.55 -9.04
C SER A 63 -31.43 -5.78 -9.99
N LEU A 64 -31.92 -5.48 -11.18
CA LEU A 64 -31.17 -4.71 -12.16
C LEU A 64 -31.29 -3.22 -11.87
N GLU A 65 -32.49 -2.81 -11.49
CA GLU A 65 -32.79 -1.39 -11.26
C GLU A 65 -33.15 -1.10 -9.80
N TYR A 66 -33.30 0.19 -9.52
CA TYR A 66 -33.71 0.68 -8.21
C TYR A 66 -35.23 0.78 -8.09
N LYS A 67 -35.81 0.17 -7.05
CA LYS A 67 -37.24 0.35 -6.76
C LYS A 67 -37.45 1.46 -5.73
N LEU A 68 -38.50 2.26 -5.92
CA LEU A 68 -38.72 3.45 -5.08
C LEU A 68 -39.84 3.28 -4.06
N TYR A 69 -39.55 3.65 -2.81
CA TYR A 69 -40.53 3.54 -1.73
C TYR A 69 -40.81 4.89 -1.08
N THR A 70 -42.07 5.33 -1.14
CA THR A 70 -42.50 6.55 -0.49
C THR A 70 -43.49 6.17 0.61
N SER A 71 -44.06 7.14 1.30
CA SER A 71 -45.06 6.82 2.31
C SER A 71 -46.22 6.03 1.72
N ALA A 72 -46.58 6.29 0.48
CA ALA A 72 -47.62 5.52 -0.20
C ALA A 72 -47.18 4.07 -0.37
N ASN A 73 -45.95 3.88 -0.82
CA ASN A 73 -45.33 2.57 -1.03
C ASN A 73 -45.22 1.73 0.23
N LEU A 74 -44.81 2.38 1.31
CA LEU A 74 -44.28 1.72 2.50
C LEU A 74 -44.77 2.46 3.74
N LYS A 75 -45.17 1.71 4.77
CA LYS A 75 -45.83 2.30 5.92
C LYS A 75 -45.00 2.21 7.20
N LEU A 76 -44.56 3.37 7.69
CA LEU A 76 -43.76 3.45 8.93
C LEU A 76 -44.66 3.52 10.16
N GLN A 77 -44.06 3.65 11.34
CA GLN A 77 -44.78 3.89 12.58
C GLN A 77 -44.80 5.38 12.86
N ASP A 78 -45.82 5.84 13.58
CA ASP A 78 -46.01 7.28 13.80
C ASP A 78 -44.97 7.92 14.71
N ASP A 79 -44.14 7.09 15.34
CA ASP A 79 -43.22 7.58 16.37
C ASP A 79 -41.76 7.34 16.04
N TRP A 80 -41.52 6.63 14.94
CA TRP A 80 -40.17 6.19 14.60
C TRP A 80 -39.20 7.32 14.33
N LEU A 81 -37.96 7.11 14.75
CA LEU A 81 -36.86 7.99 14.38
C LEU A 81 -36.04 7.23 13.34
N LEU A 82 -34.95 7.82 12.86
CA LEU A 82 -34.14 7.15 11.86
C LEU A 82 -33.72 5.75 12.34
N GLU A 83 -33.17 5.67 13.54
CA GLU A 83 -32.73 4.38 14.07
C GLU A 83 -33.84 3.34 13.97
N ASP A 84 -34.96 3.62 14.61
CA ASP A 84 -36.13 2.76 14.54
C ASP A 84 -36.40 2.35 13.10
N PHE A 85 -36.31 3.30 12.18
CA PHE A 85 -36.66 3.03 10.79
C PHE A 85 -35.63 2.10 10.16
N LEU A 86 -34.37 2.23 10.55
CA LEU A 86 -33.32 1.40 9.94
C LEU A 86 -33.30 -0.05 10.44
N ASP A 87 -33.32 -0.26 11.76
CA ASP A 87 -33.30 -1.63 12.28
C ASP A 87 -34.62 -2.34 12.06
N HIS A 88 -35.62 -1.59 11.63
CA HIS A 88 -36.92 -2.15 11.28
C HIS A 88 -37.03 -2.40 9.78
N LEU A 89 -36.29 -1.64 8.98
CA LEU A 89 -36.46 -1.65 7.53
C LEU A 89 -36.32 -3.02 6.89
N PRO A 90 -35.30 -3.79 7.28
CA PRO A 90 -35.12 -5.11 6.66
C PRO A 90 -36.32 -6.05 6.78
N LYS A 91 -37.21 -5.82 7.74
CA LYS A 91 -38.38 -6.68 7.93
C LYS A 91 -39.65 -6.14 7.26
N ILE A 92 -39.64 -4.87 6.87
CA ILE A 92 -40.83 -4.24 6.31
C ILE A 92 -40.78 -4.21 4.79
N LEU A 93 -39.57 -4.25 4.23
CA LEU A 93 -39.41 -4.35 2.80
C LEU A 93 -39.77 -5.77 2.35
N PRO A 94 -40.70 -5.88 1.39
CA PRO A 94 -41.19 -7.13 0.82
C PRO A 94 -40.11 -8.22 0.81
N ARG A 107 -29.18 -22.53 -21.27
CA ARG A 107 -28.61 -23.87 -21.21
C ARG A 107 -27.76 -24.07 -19.96
N GLU A 108 -27.25 -22.96 -19.43
CA GLU A 108 -26.37 -23.04 -18.27
C GLU A 108 -25.26 -24.03 -18.56
N GLY A 109 -24.47 -23.72 -19.59
CA GLY A 109 -23.37 -24.58 -19.99
C GLY A 109 -22.45 -24.94 -18.84
N ASN A 110 -21.40 -25.67 -19.17
CA ASN A 110 -20.48 -26.16 -18.14
C ASN A 110 -19.12 -25.48 -18.22
N ILE A 111 -18.64 -24.97 -17.09
CA ILE A 111 -17.40 -24.21 -17.09
C ILE A 111 -16.14 -25.03 -17.35
N TYR A 112 -16.03 -26.19 -16.72
CA TYR A 112 -14.89 -27.07 -16.95
C TYR A 112 -14.76 -27.36 -18.44
N TYR A 113 -15.90 -27.64 -19.07
CA TYR A 113 -15.90 -27.81 -20.51
C TYR A 113 -15.39 -26.52 -21.17
N ASP A 114 -15.82 -25.37 -20.66
CA ASP A 114 -15.45 -24.08 -21.25
C ASP A 114 -13.96 -23.78 -21.17
N ILE A 115 -13.35 -24.20 -20.07
CA ILE A 115 -11.92 -24.09 -19.94
C ILE A 115 -11.18 -24.92 -21.02
N LEU A 116 -11.50 -26.21 -21.11
CA LEU A 116 -10.97 -27.08 -22.16
C LEU A 116 -11.16 -26.48 -23.55
N ALA A 117 -12.25 -25.74 -23.71
CA ALA A 117 -12.57 -25.13 -24.98
C ALA A 117 -11.57 -24.02 -25.30
N LEU A 118 -11.01 -23.41 -24.26
CA LEU A 118 -10.11 -22.30 -24.44
C LEU A 118 -8.65 -22.67 -24.22
N TYR A 119 -8.42 -23.89 -23.73
CA TYR A 119 -7.11 -24.25 -23.23
C TYR A 119 -6.02 -24.10 -24.28
N LYS A 120 -6.24 -24.63 -25.48
CA LYS A 120 -5.25 -24.53 -26.54
C LYS A 120 -5.49 -23.28 -27.39
N SER A 121 -4.44 -22.46 -27.55
CA SER A 121 -4.56 -21.23 -28.32
C SER A 121 -3.21 -20.55 -28.48
N ASN A 122 -2.97 -19.95 -29.64
CA ASN A 122 -1.70 -19.29 -29.91
C ASN A 122 -1.66 -17.87 -29.38
N GLU A 123 -2.80 -17.39 -28.90
CA GLU A 123 -2.92 -15.99 -28.54
C GLU A 123 -2.70 -15.70 -27.05
N TYR A 124 -2.60 -16.75 -26.25
CA TYR A 124 -2.41 -16.61 -24.80
C TYR A 124 -2.16 -17.98 -24.20
N CYS A 125 -1.38 -18.07 -23.13
CA CYS A 125 -1.32 -19.32 -22.37
C CYS A 125 -2.35 -19.25 -21.23
N LEU A 126 -3.08 -20.34 -21.03
CA LEU A 126 -4.13 -20.42 -20.00
C LEU A 126 -3.75 -21.46 -18.97
N GLN A 127 -3.57 -21.04 -17.72
CA GLN A 127 -3.06 -21.91 -16.66
C GLN A 127 -4.15 -22.25 -15.66
N VAL A 128 -4.21 -23.51 -15.25
CA VAL A 128 -5.21 -23.94 -14.28
C VAL A 128 -4.59 -24.35 -12.94
N ASP A 129 -5.06 -23.71 -11.87
CA ASP A 129 -4.55 -23.98 -10.52
C ASP A 129 -5.07 -25.32 -10.04
N GLU A 130 -4.33 -25.94 -9.11
CA GLU A 130 -4.75 -27.24 -8.59
C GLU A 130 -6.12 -27.19 -7.93
N ALA A 131 -6.86 -28.29 -8.06
CA ALA A 131 -8.25 -28.33 -7.67
C ALA A 131 -9.07 -27.47 -8.62
N CYS A 132 -8.42 -26.84 -9.59
CA CYS A 132 -9.07 -25.92 -10.52
C CYS A 132 -9.98 -24.94 -9.79
N SER A 133 -9.40 -24.26 -8.82
CA SER A 133 -10.12 -23.27 -8.04
C SER A 133 -10.02 -21.90 -8.68
N MET A 134 -9.08 -21.77 -9.62
CA MET A 134 -8.80 -20.50 -10.28
C MET A 134 -8.04 -20.70 -11.58
N ILE A 135 -8.24 -19.80 -12.54
CA ILE A 135 -7.48 -19.85 -13.78
C ILE A 135 -6.76 -18.54 -14.06
N ARG A 136 -5.76 -18.57 -14.92
CA ARG A 136 -5.01 -17.38 -15.26
C ARG A 136 -4.60 -17.30 -16.74
N PHE A 137 -5.09 -16.27 -17.43
CA PHE A 137 -4.68 -15.98 -18.79
C PHE A 137 -3.42 -15.13 -18.76
N SER A 138 -2.55 -15.32 -19.74
CA SER A 138 -1.27 -14.62 -19.74
C SER A 138 -0.61 -14.71 -21.11
N GLU A 139 0.54 -14.06 -21.25
CA GLU A 139 1.23 -14.05 -22.53
C GLU A 139 0.25 -13.74 -23.65
N PHE A 140 -0.64 -12.77 -23.43
CA PHE A 140 -1.52 -12.32 -24.51
C PHE A 140 -0.68 -11.80 -25.64
N THR A 141 -1.06 -12.15 -26.87
CA THR A 141 -0.39 -11.64 -28.06
C THR A 141 -0.44 -10.12 -28.13
N ASP A 142 0.71 -9.51 -28.39
CA ASP A 142 0.83 -8.06 -28.46
C ASP A 142 0.73 -7.39 -27.09
N PHE A 143 0.56 -8.20 -26.05
CA PHE A 143 0.46 -7.68 -24.69
C PHE A 143 1.04 -8.69 -23.73
N GLU A 144 2.15 -9.31 -24.13
CA GLU A 144 2.74 -10.41 -23.38
C GLU A 144 2.93 -10.12 -21.88
N GLN A 145 2.87 -8.85 -21.50
CA GLN A 145 3.07 -8.47 -20.10
C GLN A 145 1.80 -8.58 -19.28
N HIS A 146 0.66 -8.61 -19.95
CA HIS A 146 -0.62 -8.62 -19.27
C HIS A 146 -1.11 -10.00 -18.87
N TYR A 147 -2.05 -10.03 -17.93
CA TYR A 147 -2.59 -11.28 -17.41
C TYR A 147 -3.92 -11.03 -16.73
N LEU A 148 -4.70 -12.10 -16.56
CA LEU A 148 -6.02 -12.00 -15.95
C LEU A 148 -6.28 -13.25 -15.13
N GLU A 149 -6.75 -13.09 -13.90
CA GLU A 149 -7.05 -14.23 -13.02
C GLU A 149 -8.50 -14.20 -12.61
N LEU A 150 -9.17 -15.34 -12.76
CA LEU A 150 -10.55 -15.45 -12.29
C LEU A 150 -10.69 -16.63 -11.34
N LYS A 151 -11.62 -16.51 -10.38
CA LYS A 151 -11.98 -17.63 -9.52
C LYS A 151 -12.91 -18.61 -10.26
N ILE A 152 -12.79 -19.88 -9.92
CA ILE A 152 -13.62 -20.91 -10.52
C ILE A 152 -14.50 -21.52 -9.43
N PRO A 153 -15.81 -21.65 -9.70
CA PRO A 153 -16.51 -21.30 -10.93
C PRO A 153 -17.22 -19.95 -10.85
N SER A 154 -17.01 -19.27 -9.73
CA SER A 154 -17.44 -17.88 -9.52
C SER A 154 -17.29 -17.03 -10.78
N LEU A 155 -16.11 -17.07 -11.38
CA LEU A 155 -15.71 -16.12 -12.41
C LEU A 155 -15.47 -14.75 -11.78
N LEU A 156 -15.19 -14.76 -10.48
CA LEU A 156 -14.86 -13.56 -9.74
C LEU A 156 -13.44 -13.09 -10.04
N LEU A 157 -13.29 -11.80 -10.30
CA LEU A 157 -12.01 -11.24 -10.66
C LEU A 157 -11.00 -11.28 -9.52
N LEU A 158 -9.90 -11.99 -9.74
CA LEU A 158 -8.78 -11.98 -8.81
C LEU A 158 -7.78 -10.94 -9.29
N ASP A 159 -6.50 -11.29 -9.32
CA ASP A 159 -5.47 -10.37 -9.81
C ASP A 159 -5.61 -10.10 -11.32
N HIS A 160 -4.90 -9.09 -11.81
CA HIS A 160 -4.85 -8.78 -13.25
C HIS A 160 -3.89 -7.59 -13.46
N SER A 161 -3.43 -7.38 -14.69
CA SER A 161 -2.66 -6.18 -15.00
C SER A 161 -3.63 -5.01 -15.10
N LEU A 162 -3.32 -3.99 -15.90
CA LEU A 162 -4.21 -2.81 -15.98
C LEU A 162 -4.19 -1.97 -14.71
N PRO A 163 -4.12 -0.65 -14.88
CA PRO A 163 -4.13 0.26 -13.74
C PRO A 163 -5.25 -0.11 -12.79
N ASP A 164 -4.97 -0.05 -11.49
CA ASP A 164 -5.94 -0.44 -10.47
C ASP A 164 -7.20 0.41 -10.48
N CYS A 165 -7.15 1.57 -11.13
CA CYS A 165 -8.29 2.50 -11.15
C CYS A 165 -9.36 2.06 -12.13
N VAL A 166 -9.07 1.03 -12.92
CA VAL A 166 -10.04 0.53 -13.88
C VAL A 166 -11.07 -0.34 -13.17
N SER A 167 -12.35 -0.11 -13.45
CA SER A 167 -13.42 -0.89 -12.78
C SER A 167 -13.71 -2.21 -13.49
N LEU A 168 -12.65 -2.94 -13.79
CA LEU A 168 -12.71 -4.24 -14.47
C LEU A 168 -13.63 -5.22 -13.78
N GLY A 169 -13.49 -5.34 -12.47
CA GLY A 169 -14.36 -6.20 -11.70
C GLY A 169 -15.81 -5.91 -12.04
N GLU A 170 -16.22 -4.68 -11.78
CA GLU A 170 -17.57 -4.22 -12.08
C GLU A 170 -17.97 -4.54 -13.52
N MET A 171 -17.07 -4.24 -14.46
CA MET A 171 -17.38 -4.46 -15.86
C MET A 171 -17.70 -5.93 -16.09
N LEU A 172 -16.85 -6.79 -15.54
CA LEU A 172 -17.03 -8.24 -15.71
C LEU A 172 -18.38 -8.72 -15.19
N THR A 173 -18.67 -8.45 -13.92
CA THR A 173 -19.92 -8.90 -13.35
C THR A 173 -21.09 -8.49 -14.22
N LYS A 174 -21.15 -7.22 -14.59
CA LYS A 174 -22.31 -6.74 -15.34
C LYS A 174 -22.33 -7.17 -16.83
N SER A 175 -21.17 -7.23 -17.47
CA SER A 175 -21.11 -7.39 -18.93
C SER A 175 -20.61 -8.74 -19.46
N ALA A 176 -20.16 -9.62 -18.56
CA ALA A 176 -19.55 -10.90 -18.98
C ALA A 176 -20.28 -12.10 -18.40
N GLY A 177 -20.98 -12.84 -19.27
CA GLY A 177 -21.78 -13.98 -18.85
C GLY A 177 -20.99 -15.25 -18.58
N ASN A 178 -20.20 -15.68 -19.56
CA ASN A 178 -19.43 -16.92 -19.44
C ASN A 178 -17.94 -16.66 -19.52
N LEU A 179 -17.14 -17.71 -19.33
CA LEU A 179 -15.68 -17.53 -19.33
C LEU A 179 -15.17 -16.91 -20.62
N GLU A 180 -15.66 -17.36 -21.77
CA GLU A 180 -15.20 -16.81 -23.02
C GLU A 180 -15.53 -15.32 -23.14
N GLU A 181 -16.69 -14.92 -22.64
CA GLU A 181 -17.09 -13.53 -22.70
C GLU A 181 -16.16 -12.70 -21.84
N ALA A 182 -15.73 -13.27 -20.72
CA ALA A 182 -14.78 -12.62 -19.84
C ALA A 182 -13.47 -12.36 -20.57
N LEU A 183 -12.91 -13.42 -21.14
CA LEU A 183 -11.63 -13.33 -21.84
C LEU A 183 -11.68 -12.19 -22.84
N ASN A 184 -12.77 -12.13 -23.60
CA ASN A 184 -12.87 -11.17 -24.67
C ASN A 184 -13.09 -9.73 -24.22
N LEU A 185 -13.90 -9.54 -23.20
CA LEU A 185 -14.06 -8.23 -22.58
C LEU A 185 -12.68 -7.71 -22.19
N PHE A 186 -11.85 -8.61 -21.67
CA PHE A 186 -10.52 -8.23 -21.24
C PHE A 186 -9.64 -7.82 -22.42
N ARG A 187 -9.61 -8.67 -23.46
CA ARG A 187 -8.79 -8.39 -24.62
C ARG A 187 -9.27 -7.14 -25.32
N LYS A 188 -10.57 -6.88 -25.21
CA LYS A 188 -11.13 -5.63 -25.69
C LYS A 188 -10.43 -4.43 -25.05
N LEU A 189 -10.47 -4.35 -23.72
CA LEU A 189 -9.81 -3.26 -23.03
C LEU A 189 -8.33 -3.15 -23.42
N LEU A 190 -7.67 -4.29 -23.59
CA LEU A 190 -6.28 -4.30 -24.00
C LEU A 190 -6.11 -3.53 -25.27
N GLU A 191 -6.99 -3.76 -26.24
CA GLU A 191 -6.94 -3.01 -27.50
C GLU A 191 -7.19 -1.52 -27.25
N ASP A 192 -8.24 -1.25 -26.49
CA ASP A 192 -8.55 0.11 -26.07
C ASP A 192 -7.35 0.76 -25.39
N LEU A 193 -6.53 -0.06 -24.74
CA LEU A 193 -5.43 0.49 -23.96
C LEU A 193 -4.11 0.65 -24.69
N ARG A 194 -4.02 0.21 -25.95
CA ARG A 194 -2.73 0.25 -26.63
C ARG A 194 -2.15 1.68 -26.74
N PRO A 195 -3.00 2.67 -27.00
CA PRO A 195 -2.45 4.03 -27.06
C PRO A 195 -1.83 4.48 -25.73
N PHE A 196 -2.51 4.18 -24.62
CA PHE A 196 -1.98 4.42 -23.29
C PHE A 196 -0.63 3.74 -23.12
N TYR A 197 -0.57 2.46 -23.48
CA TYR A 197 0.64 1.68 -23.29
C TYR A 197 1.73 2.07 -24.26
N ASP A 198 1.36 2.26 -25.53
CA ASP A 198 2.31 2.64 -26.57
C ASP A 198 3.00 3.93 -26.18
N ASN A 199 2.22 4.85 -25.61
CA ASN A 199 2.74 6.16 -25.27
C ASN A 199 3.84 6.11 -24.24
N PHE A 200 3.68 5.24 -23.25
CA PHE A 200 4.67 5.09 -22.21
C PHE A 200 5.90 4.33 -22.74
N MET A 201 5.70 3.55 -23.80
CA MET A 201 6.78 2.82 -24.48
C MET A 201 7.99 3.70 -24.73
N ASP A 202 7.76 4.81 -25.43
CA ASP A 202 8.83 5.74 -25.80
C ASP A 202 9.43 6.42 -24.57
N ILE A 203 8.58 6.82 -23.64
CA ILE A 203 9.08 7.54 -22.48
C ILE A 203 9.95 6.64 -21.61
N ASP A 204 9.53 5.38 -21.49
CA ASP A 204 10.30 4.41 -20.73
C ASP A 204 11.67 4.11 -21.36
N GLU A 205 11.73 4.06 -22.69
CA GLU A 205 12.98 3.71 -23.38
C GLU A 205 13.91 4.89 -23.65
N LEU A 206 13.34 6.08 -23.82
CA LEU A 206 14.13 7.24 -24.25
C LEU A 206 14.26 8.31 -23.18
N CYS A 207 13.56 8.14 -22.07
CA CYS A 207 13.72 9.03 -20.94
C CYS A 207 14.30 8.24 -19.78
N HIS A 208 14.95 8.94 -18.85
CA HIS A 208 15.48 8.30 -17.65
C HIS A 208 14.46 8.34 -16.51
N VAL A 209 13.61 7.31 -16.43
CA VAL A 209 12.48 7.34 -15.50
C VAL A 209 12.88 7.04 -14.06
N LEU A 210 12.74 8.03 -13.17
CA LEU A 210 13.15 7.89 -11.77
C LEU A 210 12.08 7.25 -10.88
N GLN A 211 10.82 7.50 -11.20
CA GLN A 211 9.71 6.94 -10.43
C GLN A 211 8.51 6.76 -11.35
N PRO A 212 7.83 5.61 -11.25
CA PRO A 212 7.95 4.55 -10.23
C PRO A 212 9.29 3.84 -10.33
N SER A 213 9.87 3.46 -9.20
CA SER A 213 11.16 2.79 -9.26
C SER A 213 11.04 1.54 -10.11
N PRO A 214 10.16 0.61 -9.71
CA PRO A 214 9.86 -0.50 -10.62
C PRO A 214 8.58 -0.19 -11.38
N ILE A 215 8.71 -0.01 -12.69
CA ILE A 215 7.60 0.33 -13.58
C ILE A 215 6.75 -0.90 -13.92
N SER A 216 5.42 -0.77 -13.87
CA SER A 216 4.55 -1.91 -14.17
C SER A 216 3.40 -1.54 -15.07
N SER A 217 2.71 -2.55 -15.61
CA SER A 217 1.56 -2.32 -16.49
C SER A 217 0.52 -1.44 -15.81
N LYS A 218 0.67 -1.23 -14.50
CA LYS A 218 -0.33 -0.60 -13.66
C LYS A 218 -0.14 0.89 -13.48
N HIS A 219 1.11 1.33 -13.51
CA HIS A 219 1.45 2.71 -13.26
C HIS A 219 0.92 3.66 -14.35
N LYS A 220 0.15 4.68 -13.95
CA LYS A 220 -0.32 5.71 -14.88
C LYS A 220 0.56 6.95 -14.88
N THR A 221 1.80 6.79 -14.43
CA THR A 221 2.67 7.94 -14.19
C THR A 221 4.07 7.74 -14.72
N ARG A 222 4.81 8.84 -14.82
CA ARG A 222 6.24 8.76 -15.06
C ARG A 222 7.00 10.04 -14.74
N LEU A 223 8.02 9.91 -13.89
CA LEU A 223 8.84 11.05 -13.54
C LEU A 223 10.22 10.88 -14.12
N PHE A 224 10.65 11.84 -14.95
CA PHE A 224 11.97 11.78 -15.53
C PHE A 224 12.59 13.18 -15.58
N PRO A 225 13.93 13.25 -15.72
CA PRO A 225 14.61 14.54 -15.72
C PRO A 225 14.52 15.22 -17.07
N LEU A 226 14.34 16.55 -17.06
CA LEU A 226 14.22 17.34 -18.27
C LEU A 226 15.58 17.92 -18.64
N LYS A 227 16.30 18.36 -17.61
CA LYS A 227 17.67 18.78 -17.72
C LYS A 227 18.24 18.75 -16.32
N ASP A 228 19.45 19.25 -16.16
CA ASP A 228 20.05 19.30 -14.84
C ASP A 228 19.13 20.04 -13.89
N ARG A 229 18.87 19.46 -12.72
CA ARG A 229 18.11 20.12 -11.65
C ARG A 229 16.59 20.25 -11.88
N VAL A 230 16.11 19.79 -13.04
CA VAL A 230 14.71 19.99 -13.37
C VAL A 230 14.05 18.70 -13.79
N TYR A 231 13.07 18.27 -13.02
CA TYR A 231 12.32 17.07 -13.37
C TYR A 231 10.98 17.44 -13.98
N LEU A 232 10.46 16.53 -14.78
CA LEU A 232 9.19 16.72 -15.44
C LEU A 232 8.34 15.49 -15.13
N LYS A 233 7.16 15.68 -14.55
CA LYS A 233 6.32 14.55 -14.17
C LYS A 233 5.10 14.39 -15.06
N LEU A 234 5.14 13.40 -15.94
CA LEU A 234 4.01 13.09 -16.81
C LEU A 234 3.01 12.21 -16.09
N THR A 235 1.75 12.58 -16.14
CA THR A 235 0.70 11.77 -15.52
C THR A 235 -0.60 11.69 -16.34
N ILE A 236 -1.16 10.50 -16.44
CA ILE A 236 -2.28 10.25 -17.35
C ILE A 236 -3.48 9.72 -16.60
N ALA A 237 -4.40 10.61 -16.27
CA ALA A 237 -5.55 10.30 -15.43
C ALA A 237 -6.45 9.19 -15.97
N ASP A 238 -6.79 9.28 -17.26
CA ASP A 238 -7.69 8.31 -17.86
C ASP A 238 -6.96 7.51 -18.92
N PRO A 239 -6.70 6.24 -18.65
CA PRO A 239 -5.96 5.41 -19.61
C PRO A 239 -6.72 5.19 -20.93
N PHE A 240 -8.03 5.45 -20.93
CA PHE A 240 -8.82 5.31 -22.15
C PHE A 240 -8.96 6.62 -22.90
N ALA A 241 -8.70 7.71 -22.19
CA ALA A 241 -8.71 9.04 -22.78
C ALA A 241 -7.29 9.57 -22.73
N CYS A 242 -6.38 8.84 -23.35
CA CYS A 242 -4.97 9.04 -23.17
C CYS A 242 -4.52 10.50 -23.15
N ILE A 243 -4.85 11.25 -24.19
CA ILE A 243 -4.31 12.62 -24.29
C ILE A 243 -5.22 13.64 -23.65
N ALA A 244 -6.52 13.39 -23.69
CA ALA A 244 -7.48 14.26 -23.03
C ALA A 244 -7.17 14.37 -21.54
N SER A 245 -6.71 13.28 -20.95
CA SER A 245 -6.50 13.25 -19.50
C SER A 245 -5.02 13.39 -19.14
N MET A 246 -4.22 13.79 -20.13
CA MET A 246 -2.78 13.98 -19.93
C MET A 246 -2.48 15.21 -19.09
N SER A 247 -1.37 15.18 -18.38
CA SER A 247 -1.03 16.25 -17.46
C SER A 247 0.48 16.31 -17.18
N LEU A 248 1.06 17.50 -17.30
CA LEU A 248 2.49 17.68 -17.07
C LEU A 248 2.73 18.61 -15.91
N LYS A 249 3.80 18.35 -15.17
CA LYS A 249 4.17 19.21 -14.05
C LYS A 249 5.67 19.38 -14.00
N ILE A 250 6.10 20.64 -13.96
CA ILE A 250 7.52 20.96 -13.90
C ILE A 250 8.00 21.06 -12.47
N ILE A 251 9.06 20.32 -12.17
CA ILE A 251 9.57 20.22 -10.81
C ILE A 251 11.04 20.60 -10.77
N GLY A 252 11.40 21.55 -9.93
CA GLY A 252 12.77 22.03 -9.87
C GLY A 252 12.81 23.39 -9.22
N PRO A 253 13.96 24.07 -9.31
CA PRO A 253 14.16 25.38 -8.68
C PRO A 253 13.11 26.40 -9.13
N THR A 254 12.80 27.34 -8.25
CA THR A 254 11.65 28.24 -8.40
C THR A 254 11.59 28.94 -9.74
N GLU A 255 12.71 29.51 -10.16
CA GLU A 255 12.78 30.32 -11.36
C GLU A 255 12.72 29.42 -12.60
N GLU A 256 13.37 28.26 -12.51
CA GLU A 256 13.32 27.28 -13.58
C GLU A 256 11.89 26.86 -13.80
N VAL A 257 11.22 26.56 -12.68
CA VAL A 257 9.83 26.18 -12.71
C VAL A 257 9.02 27.31 -13.33
N ALA A 258 9.21 28.51 -12.80
CA ALA A 258 8.47 29.68 -13.25
C ALA A 258 8.66 29.87 -14.74
N ARG A 259 9.92 29.84 -15.17
CA ARG A 259 10.26 30.01 -16.57
C ARG A 259 9.58 28.96 -17.44
N LEU A 260 9.92 27.70 -17.17
CA LEU A 260 9.43 26.59 -17.97
C LEU A 260 7.91 26.49 -18.01
N ARG A 261 7.24 26.93 -16.94
CA ARG A 261 5.79 26.84 -16.90
C ARG A 261 5.16 27.50 -18.12
N HIS A 262 5.79 28.56 -18.61
CA HIS A 262 5.30 29.25 -19.80
C HIS A 262 5.45 28.38 -21.04
N VAL A 263 6.62 27.78 -21.18
CA VAL A 263 6.88 26.86 -22.27
C VAL A 263 5.81 25.80 -22.32
N LEU A 264 5.48 25.29 -21.15
CA LEU A 264 4.50 24.23 -21.03
C LEU A 264 3.17 24.64 -21.66
N SER A 265 2.60 25.75 -21.20
CA SER A 265 1.35 26.25 -21.76
C SER A 265 1.41 26.29 -23.27
N ASP A 266 2.35 27.07 -23.80
CA ASP A 266 2.53 27.20 -25.23
C ASP A 266 2.60 25.83 -25.89
N GLY A 267 3.41 24.95 -25.32
CA GLY A 267 3.59 23.61 -25.85
C GLY A 267 2.28 22.87 -26.03
N LEU A 268 1.39 23.05 -25.06
CA LEU A 268 0.08 22.40 -25.10
C LEU A 268 -0.80 22.99 -26.19
N SER A 269 -0.78 24.31 -26.28
CA SER A 269 -1.50 25.03 -27.33
C SER A 269 -1.06 24.58 -28.71
N ASN A 270 0.22 24.26 -28.85
CA ASN A 270 0.77 23.81 -30.12
C ASN A 270 0.84 22.29 -30.25
N TRP A 271 0.03 21.59 -29.48
CA TRP A 271 0.13 20.13 -29.45
C TRP A 271 -0.18 19.51 -30.81
N ASP A 272 0.77 18.77 -31.35
CA ASP A 272 0.59 18.09 -32.63
C ASP A 272 -0.09 16.73 -32.42
N SER A 273 -1.37 16.66 -32.75
CA SER A 273 -2.18 15.47 -32.49
C SER A 273 -1.69 14.24 -33.24
N GLU A 274 -0.90 14.45 -34.28
CA GLU A 274 -0.33 13.35 -35.05
C GLU A 274 1.05 12.93 -34.53
N MET A 275 1.33 13.23 -33.28
CA MET A 275 2.58 12.84 -32.64
C MET A 275 2.26 12.36 -31.23
N ASN A 276 2.94 11.31 -30.79
CA ASN A 276 2.74 10.81 -29.43
C ASN A 276 3.21 11.81 -28.38
N ILE A 277 3.17 11.41 -27.12
CA ILE A 277 3.52 12.33 -26.05
C ILE A 277 5.02 12.60 -26.02
N HIS A 278 5.82 11.55 -26.16
CA HIS A 278 7.27 11.72 -26.11
C HIS A 278 7.75 12.76 -27.10
N LYS A 279 7.49 12.51 -28.37
CA LYS A 279 7.97 13.37 -29.43
C LYS A 279 7.37 14.77 -29.30
N ASN A 280 6.14 14.82 -28.78
CA ASN A 280 5.47 16.09 -28.54
C ASN A 280 6.14 16.87 -27.41
N LEU A 281 6.70 16.15 -26.43
CA LEU A 281 7.45 16.77 -25.36
C LEU A 281 8.81 17.29 -25.84
N LEU A 282 9.44 16.56 -26.74
CA LEU A 282 10.70 17.00 -27.33
C LEU A 282 10.44 18.31 -28.07
N ARG A 283 9.36 18.31 -28.82
CA ARG A 283 8.90 19.50 -29.52
C ARG A 283 8.75 20.61 -28.50
N MET A 284 8.00 20.33 -27.44
CA MET A 284 7.64 21.33 -26.44
C MET A 284 8.85 22.05 -25.85
N PHE A 285 9.86 21.30 -25.44
CA PHE A 285 11.02 21.87 -24.74
C PHE A 285 12.25 22.03 -25.60
N ASP A 286 12.08 21.93 -26.92
CA ASP A 286 13.18 22.15 -27.84
C ASP A 286 14.36 21.26 -27.50
N LEU A 287 14.16 19.95 -27.64
CA LEU A 287 15.23 18.99 -27.40
C LEU A 287 15.17 17.90 -28.45
N CYS A 288 16.34 17.46 -28.94
CA CYS A 288 16.37 16.32 -29.86
C CYS A 288 16.35 15.03 -29.03
N TYR A 289 16.65 15.13 -27.74
CA TYR A 289 16.52 13.99 -26.82
C TYR A 289 16.49 14.36 -25.34
N PHE A 290 15.90 13.50 -24.51
CA PHE A 290 15.88 13.72 -23.07
C PHE A 290 17.15 13.19 -22.38
N PRO A 291 17.56 13.85 -21.29
CA PRO A 291 18.76 13.47 -20.52
C PRO A 291 18.65 12.03 -20.07
N MET A 292 19.68 11.23 -20.31
CA MET A 292 19.64 9.82 -19.95
C MET A 292 21.07 9.26 -19.83
N PRO A 293 21.31 8.38 -18.85
CA PRO A 293 22.68 7.88 -18.68
C PRO A 293 23.13 7.17 -19.93
N ASP A 294 24.38 7.35 -20.33
CA ASP A 294 24.88 6.73 -21.54
C ASP A 294 26.37 6.40 -21.37
N TRP A 295 26.85 5.37 -22.06
CA TRP A 295 28.22 4.93 -21.89
C TRP A 295 29.16 6.07 -22.18
N SER A 296 28.72 6.98 -23.04
CA SER A 296 29.55 8.13 -23.40
C SER A 296 29.75 9.13 -22.27
N ASP A 297 29.11 8.91 -21.12
CA ASP A 297 29.36 9.74 -19.94
C ASP A 297 30.72 9.40 -19.36
N GLY A 298 31.38 8.41 -19.93
CA GLY A 298 32.64 7.92 -19.41
C GLY A 298 32.46 7.25 -18.07
N PRO A 299 33.56 6.90 -17.40
CA PRO A 299 33.44 6.42 -16.04
C PRO A 299 33.11 7.61 -15.18
N LYS A 300 32.13 7.52 -14.28
CA LYS A 300 31.85 8.60 -13.34
C LYS A 300 33.10 8.88 -12.53
N LEU A 301 33.07 8.50 -11.26
CA LEU A 301 34.09 8.91 -10.30
C LEU A 301 34.27 10.43 -10.33
N ASP A 302 34.88 10.96 -11.40
CA ASP A 302 34.98 12.40 -11.59
C ASP A 302 33.75 13.07 -11.00
N GLU A 303 33.98 14.01 -10.07
CA GLU A 303 32.91 14.69 -9.35
C GLU A 303 32.63 14.05 -7.99
N GLU A 304 32.53 12.72 -7.96
CA GLU A 304 32.24 11.97 -6.74
C GLU A 304 31.26 12.70 -5.83
N ASP A 305 30.07 13.00 -6.36
CA ASP A 305 29.06 13.75 -5.61
C ASP A 305 29.17 13.38 -4.14
N ASN A 306 29.18 14.38 -3.26
CA ASN A 306 29.27 14.11 -1.83
C ASN A 306 28.65 12.76 -1.55
N GLU A 307 29.40 11.91 -0.85
CA GLU A 307 28.99 10.53 -0.57
C GLU A 307 27.54 10.44 -0.09
N GLU A 308 26.99 11.58 0.31
CA GLU A 308 25.63 11.65 0.85
C GLU A 308 24.57 12.13 -0.13
N LEU A 309 23.98 11.17 -0.83
CA LEU A 309 22.81 11.44 -1.64
C LEU A 309 21.61 10.88 -0.91
N ARG A 310 21.79 10.51 0.36
CA ARG A 310 20.73 9.81 1.10
C ARG A 310 19.80 10.75 1.85
N CYS A 311 18.60 10.97 1.31
CA CYS A 311 17.67 11.88 1.95
C CYS A 311 18.50 12.92 2.65
N ASN A 312 18.34 12.95 3.97
CA ASN A 312 19.09 13.86 4.82
C ASN A 312 18.27 14.09 6.06
N ILE A 313 17.25 13.25 6.16
CA ILE A 313 16.29 13.20 7.25
C ILE A 313 16.10 11.73 7.63
N CYS A 314 15.82 10.89 6.62
CA CYS A 314 15.78 9.42 6.80
C CYS A 314 17.17 8.79 6.70
N PHE A 315 18.11 9.50 6.08
CA PHE A 315 19.45 8.99 5.90
C PHE A 315 19.47 7.73 5.04
N ALA A 316 18.37 7.54 4.33
CA ALA A 316 18.22 6.43 3.41
C ALA A 316 18.31 6.96 1.98
N TYR A 317 18.71 6.11 1.04
CA TYR A 317 18.67 6.53 -0.34
C TYR A 317 17.33 6.16 -0.97
N ARG A 318 17.05 4.88 -1.08
CA ARG A 318 15.83 4.45 -1.76
C ARG A 318 14.80 3.90 -0.78
N LEU A 319 13.61 4.48 -0.77
CA LEU A 319 12.59 4.04 0.18
C LEU A 319 11.92 2.74 -0.25
N ASP A 320 11.14 2.15 0.66
CA ASP A 320 10.48 0.88 0.39
C ASP A 320 9.66 0.95 -0.90
N GLY A 321 9.37 2.16 -1.36
CA GLY A 321 8.57 2.38 -2.56
C GLY A 321 9.37 2.91 -3.75
N GLY A 322 10.68 2.99 -3.58
CA GLY A 322 11.55 3.44 -4.64
C GLY A 322 11.66 4.94 -4.73
N GLU A 323 11.14 5.64 -3.71
CA GLU A 323 11.29 7.09 -3.65
C GLU A 323 12.75 7.45 -3.47
N VAL A 324 13.15 8.54 -4.08
CA VAL A 324 14.54 8.97 -4.06
C VAL A 324 14.68 10.46 -3.69
N PRO A 325 15.81 10.83 -3.11
CA PRO A 325 16.09 12.21 -2.68
C PRO A 325 16.19 13.20 -3.85
N LEU A 326 15.11 13.90 -4.15
CA LEU A 326 15.07 14.79 -5.29
C LEU A 326 14.89 16.23 -4.87
N VAL A 327 14.40 16.43 -3.65
CA VAL A 327 14.11 17.78 -3.17
C VAL A 327 15.39 18.58 -2.92
N SER A 328 15.42 19.83 -3.39
CA SER A 328 16.64 20.64 -3.31
C SER A 328 16.35 22.14 -3.46
N CYS A 329 16.86 22.95 -2.52
CA CYS A 329 16.58 24.38 -2.55
C CYS A 329 17.29 25.08 -3.70
N ASP A 330 16.96 26.36 -3.90
CA ASP A 330 17.51 27.12 -5.03
C ASP A 330 19.00 27.29 -4.90
N ASN A 331 19.47 27.24 -3.65
CA ASN A 331 20.87 27.51 -3.34
C ASN A 331 21.83 26.42 -3.78
N ALA A 332 22.50 26.63 -4.92
CA ALA A 332 23.45 25.67 -5.45
C ALA A 332 24.46 25.21 -4.39
N LYS A 333 24.78 26.10 -3.47
CA LYS A 333 25.79 25.82 -2.47
C LYS A 333 25.25 25.01 -1.26
N CYS A 334 23.94 24.76 -1.21
CA CYS A 334 23.39 23.90 -0.13
C CYS A 334 23.39 22.42 -0.51
N VAL A 335 24.55 21.78 -0.46
CA VAL A 335 24.60 20.32 -0.56
C VAL A 335 23.68 19.78 0.51
N LEU A 336 22.71 18.96 0.11
CA LEU A 336 21.68 18.46 1.03
C LEU A 336 20.45 18.17 0.17
N LYS A 337 20.05 16.91 0.08
CA LYS A 337 18.85 16.57 -0.66
C LYS A 337 17.85 15.86 0.23
N CYS A 338 16.69 15.51 -0.31
CA CYS A 338 15.60 15.07 0.55
C CYS A 338 14.53 14.33 -0.22
N HIS A 339 13.98 13.28 0.39
CA HIS A 339 12.76 12.64 -0.13
C HIS A 339 11.60 13.57 0.13
N ALA A 340 10.70 13.68 -0.83
CA ALA A 340 9.56 14.58 -0.67
C ALA A 340 8.74 14.17 0.55
N VAL A 341 8.50 12.88 0.71
CA VAL A 341 7.71 12.43 1.84
C VAL A 341 8.40 12.75 3.15
N CYS A 342 9.71 12.59 3.20
CA CYS A 342 10.45 12.93 4.42
C CYS A 342 10.21 14.40 4.79
N LEU A 343 9.58 15.16 3.90
CA LEU A 343 9.29 16.58 4.15
C LEU A 343 7.82 16.90 3.97
N GLU A 344 7.01 15.86 3.96
CA GLU A 344 5.60 15.99 3.60
C GLU A 344 4.86 17.06 4.38
N GLU A 345 5.03 17.06 5.70
CA GLU A 345 4.38 18.06 6.53
C GLU A 345 4.85 19.44 6.13
N TRP A 346 6.17 19.67 6.18
CA TRP A 346 6.73 20.97 5.81
C TRP A 346 6.05 21.57 4.58
N PHE A 347 5.78 20.71 3.60
CA PHE A 347 5.15 21.12 2.34
C PHE A 347 3.68 21.44 2.50
N LYS A 348 2.99 20.77 3.41
CA LYS A 348 1.58 21.07 3.63
C LYS A 348 1.35 22.11 4.74
N THR A 349 2.16 22.08 5.80
CA THR A 349 2.08 23.10 6.84
C THR A 349 2.52 24.45 6.30
N LEU A 350 3.11 24.47 5.11
CA LEU A 350 3.55 25.72 4.49
C LEU A 350 2.51 26.22 3.51
N MET A 351 2.09 25.36 2.60
CA MET A 351 1.18 25.81 1.55
C MET A 351 -0.27 25.34 1.76
N ASP A 352 -0.67 25.09 3.00
CA ASP A 352 -2.01 24.58 3.27
C ASP A 352 -3.11 25.33 2.51
N GLY A 353 -3.88 24.61 1.71
CA GLY A 353 -4.95 25.19 0.93
C GLY A 353 -4.47 25.92 -0.32
N LYS A 354 -4.29 27.24 -0.19
CA LYS A 354 -3.80 28.12 -1.26
C LYS A 354 -2.94 27.44 -2.34
N THR A 355 -3.08 27.87 -3.60
CA THR A 355 -2.34 27.25 -4.70
C THR A 355 -0.87 27.68 -4.77
N PHE A 356 -0.06 26.89 -5.49
CA PHE A 356 1.39 27.03 -5.46
C PHE A 356 1.91 28.27 -6.19
N LEU A 357 1.04 28.91 -6.97
CA LEU A 357 1.38 30.19 -7.60
C LEU A 357 1.15 31.34 -6.61
N GLU A 358 0.41 31.05 -5.55
CA GLU A 358 0.25 31.96 -4.43
C GLU A 358 1.40 31.71 -3.46
N VAL A 359 1.84 30.45 -3.40
CA VAL A 359 2.99 30.02 -2.61
C VAL A 359 3.98 29.25 -3.49
N SER A 360 4.97 29.96 -4.03
CA SER A 360 5.98 29.37 -4.91
C SER A 360 7.04 28.58 -4.17
N PHE A 361 7.22 28.89 -2.89
CA PHE A 361 8.37 28.37 -2.17
C PHE A 361 8.24 28.51 -0.67
N GLY A 362 9.25 28.01 0.04
CA GLY A 362 9.38 28.20 1.46
C GLY A 362 10.84 28.43 1.70
N GLN A 363 11.27 28.40 2.97
CA GLN A 363 12.68 28.57 3.28
C GLN A 363 13.43 27.23 3.44
N CYS A 364 14.50 27.04 2.67
CA CYS A 364 15.37 25.88 2.85
C CYS A 364 15.64 25.75 4.34
N PRO A 365 15.09 24.70 4.96
CA PRO A 365 15.27 24.50 6.40
C PRO A 365 16.74 24.43 6.77
N PHE A 366 17.62 24.53 5.78
CA PHE A 366 19.04 24.39 6.02
C PHE A 366 19.85 25.66 5.81
N CYS A 367 19.68 26.32 4.66
CA CYS A 367 20.38 27.57 4.40
C CYS A 367 19.40 28.73 4.34
N LYS A 368 18.11 28.38 4.44
CA LYS A 368 17.03 29.35 4.37
C LYS A 368 16.66 29.77 2.94
N ALA A 369 17.42 29.32 1.94
CA ALA A 369 17.21 29.75 0.55
C ALA A 369 15.80 29.46 0.07
N LYS A 370 15.45 30.01 -1.09
CA LYS A 370 14.13 29.77 -1.60
C LYS A 370 14.07 28.29 -1.90
N LEU A 371 12.99 27.62 -1.50
CA LEU A 371 12.82 26.19 -1.81
C LEU A 371 11.50 25.98 -2.52
N SER A 372 11.56 25.73 -3.82
CA SER A 372 10.35 25.63 -4.64
C SER A 372 9.35 24.62 -4.09
N THR A 373 8.10 25.03 -3.96
CA THR A 373 7.07 24.10 -3.53
C THR A 373 6.59 23.21 -4.68
N SER A 374 7.27 23.27 -5.82
CA SER A 374 6.93 22.38 -6.93
C SER A 374 7.14 20.92 -6.53
N PHE A 375 7.95 20.71 -5.51
CA PHE A 375 8.25 19.36 -5.06
C PHE A 375 7.06 18.69 -4.39
N ALA A 376 6.12 19.48 -3.87
CA ALA A 376 4.95 18.90 -3.23
C ALA A 376 4.22 18.00 -4.22
N ALA A 377 4.58 18.15 -5.49
CA ALA A 377 3.99 17.36 -6.57
C ALA A 377 4.40 15.90 -6.46
N LEU A 378 5.54 15.68 -5.81
CA LEU A 378 6.04 14.34 -5.68
C LEU A 378 5.26 13.60 -4.62
N LEU A 379 4.55 14.37 -3.78
CA LEU A 379 3.73 13.78 -2.72
C LEU A 379 2.48 13.17 -3.29
N ASN A 380 1.53 12.83 -2.42
CA ASN A 380 0.23 12.26 -2.79
C ASN A 380 0.31 10.88 -3.48
N ASP A 381 1.14 10.78 -4.51
CA ASP A 381 1.36 9.56 -5.29
C ASP A 381 2.66 8.85 -4.83
N GLU B 5 -6.62 26.68 15.29
CA GLU B 5 -6.70 26.88 16.74
C GLU B 5 -5.33 27.18 17.35
N ASP B 6 -5.21 26.94 18.65
CA ASP B 6 -3.99 27.24 19.40
C ASP B 6 -2.76 26.50 18.86
N VAL B 7 -2.77 25.17 18.96
CA VAL B 7 -1.68 24.38 18.42
C VAL B 7 -1.39 24.76 16.98
N GLU B 8 -2.44 24.81 16.16
CA GLU B 8 -2.29 25.08 14.74
C GLU B 8 -1.65 26.44 14.54
N ARG B 9 -2.14 27.45 15.27
CA ARG B 9 -1.58 28.79 15.20
C ARG B 9 -0.13 28.72 15.63
N LEU B 10 0.16 27.86 16.59
CA LEU B 10 1.53 27.71 17.07
C LEU B 10 2.40 27.24 15.92
N LEU B 11 1.97 26.16 15.27
CA LEU B 11 2.73 25.53 14.22
C LEU B 11 2.79 26.40 12.94
N CYS B 12 1.67 27.03 12.59
CA CYS B 12 1.62 28.02 11.50
C CYS B 12 2.68 29.10 11.72
N GLN B 13 3.08 29.28 12.97
CA GLN B 13 3.94 30.39 13.37
C GLN B 13 5.39 30.01 13.67
N LYS B 14 5.62 28.80 14.14
CA LYS B 14 6.86 28.49 14.83
C LYS B 14 7.49 27.17 14.40
N TYR B 15 6.65 26.27 13.87
CA TYR B 15 7.11 24.93 13.58
C TYR B 15 6.75 24.49 12.15
N PRO B 16 7.52 24.98 11.17
CA PRO B 16 7.26 24.89 9.73
C PRO B 16 7.23 23.46 9.20
N GLY B 17 7.54 22.48 10.04
CA GLY B 17 7.61 21.11 9.56
C GLY B 17 6.67 20.19 10.31
N LEU B 18 5.93 20.74 11.25
CA LEU B 18 5.03 19.96 12.07
C LEU B 18 3.59 20.27 11.72
N ALA B 19 2.74 19.26 11.76
CA ALA B 19 1.31 19.45 11.56
C ALA B 19 0.55 18.81 12.72
N ALA B 20 -0.52 19.45 13.18
CA ALA B 20 -1.31 18.85 14.23
C ALA B 20 -2.64 18.29 13.71
N GLU B 21 -3.11 17.23 14.36
CA GLU B 21 -4.37 16.61 13.98
C GLU B 21 -5.14 16.20 15.22
N LEU B 22 -6.20 16.93 15.50
CA LEU B 22 -7.12 16.64 16.59
C LEU B 22 -7.89 15.35 16.29
N GLN B 23 -8.52 14.75 17.29
CA GLN B 23 -9.05 13.40 17.10
C GLN B 23 -10.45 13.10 17.67
N PRO B 24 -10.97 11.91 17.37
CA PRO B 24 -12.32 11.51 17.79
C PRO B 24 -12.43 11.27 19.29
N SER B 25 -11.43 11.70 20.06
CA SER B 25 -11.52 11.60 21.51
C SER B 25 -11.18 12.93 22.16
N GLY B 26 -10.42 13.76 21.45
CA GLY B 26 -10.00 15.05 21.97
C GLY B 26 -8.49 15.14 22.04
N ALA B 27 -7.83 13.99 22.05
CA ALA B 27 -6.38 13.94 22.05
C ALA B 27 -5.88 14.34 20.68
N CYS B 28 -4.70 14.94 20.60
CA CYS B 28 -4.18 15.27 19.29
C CYS B 28 -2.84 14.58 18.98
N ILE B 29 -2.51 14.54 17.70
CA ILE B 29 -1.24 13.98 17.27
C ILE B 29 -0.53 15.01 16.42
N ILE B 30 0.75 15.21 16.71
CA ILE B 30 1.60 16.06 15.89
C ILE B 30 2.56 15.18 15.11
N ARG B 31 2.66 15.41 13.80
CA ARG B 31 3.56 14.67 12.92
C ARG B 31 4.39 15.68 12.14
N GLY B 32 5.60 15.29 11.77
CA GLY B 32 6.43 16.12 10.91
C GLY B 32 7.89 16.13 11.28
N VAL B 33 8.62 17.13 10.80
CA VAL B 33 10.03 17.27 11.10
C VAL B 33 10.27 18.43 12.04
N LEU B 34 11.39 18.42 12.75
CA LEU B 34 11.62 19.41 13.77
C LEU B 34 13.09 19.58 14.03
N GLY B 35 13.59 20.81 13.88
CA GLY B 35 14.97 21.09 14.20
C GLY B 35 15.47 22.37 13.57
N SER B 36 16.76 22.63 13.78
CA SER B 36 17.43 23.81 13.23
C SER B 36 18.55 23.45 12.24
N GLU B 37 18.65 24.25 11.18
CA GLU B 37 19.73 24.10 10.23
C GLU B 37 19.78 22.69 9.64
N ASP B 38 20.95 22.07 9.75
CA ASP B 38 21.24 20.80 9.08
C ASP B 38 20.72 19.55 9.81
N THR B 39 20.32 19.68 11.07
CA THR B 39 19.85 18.52 11.82
C THR B 39 18.36 18.57 12.19
N TRP B 40 17.56 17.84 11.42
CA TRP B 40 16.14 17.75 11.67
C TRP B 40 15.72 16.31 11.98
N ARG B 41 14.62 16.15 12.72
CA ARG B 41 14.12 14.82 13.05
C ARG B 41 12.69 14.60 12.58
N ARG B 42 12.42 13.37 12.13
CA ARG B 42 11.06 12.94 11.85
C ARG B 42 10.48 12.53 13.20
N LEU B 43 9.18 12.69 13.34
CA LEU B 43 8.60 12.93 14.64
C LEU B 43 7.10 12.66 14.67
N LYS B 44 6.67 11.85 15.62
CA LYS B 44 5.24 11.63 15.84
C LYS B 44 4.96 11.77 17.32
N LEU B 45 4.10 12.72 17.67
CA LEU B 45 3.82 13.04 19.07
C LEU B 45 2.35 12.88 19.38
N TYR B 46 2.04 11.87 20.18
CA TYR B 46 0.68 11.58 20.61
C TYR B 46 0.49 12.27 21.94
N LEU B 47 -0.52 13.10 22.04
CA LEU B 47 -0.78 13.79 23.28
C LEU B 47 -2.16 13.40 23.75
N PRO B 48 -2.24 12.30 24.49
CA PRO B 48 -3.51 11.69 24.94
C PRO B 48 -4.36 12.59 25.84
N HIS B 49 -3.74 13.56 26.50
CA HIS B 49 -4.52 14.46 27.34
C HIS B 49 -4.39 15.88 26.90
N HIS B 50 -3.99 16.04 25.65
CA HIS B 50 -3.87 17.36 25.06
C HIS B 50 -5.09 18.13 25.47
N PRO B 51 -4.89 19.38 25.89
CA PRO B 51 -3.66 20.17 25.78
C PRO B 51 -2.59 19.81 26.81
N ALA B 52 -2.91 19.00 27.80
CA ALA B 52 -1.92 18.68 28.82
C ALA B 52 -0.82 17.81 28.22
N LEU B 53 0.39 17.87 28.80
CA LEU B 53 1.47 17.01 28.32
C LEU B 53 1.51 15.66 29.04
N HIS B 54 0.49 15.38 29.85
CA HIS B 54 0.42 14.12 30.58
C HIS B 54 0.35 12.96 29.62
N GLY B 55 1.07 11.89 29.95
CA GLY B 55 0.98 10.65 29.22
C GLY B 55 1.44 10.71 27.77
N PHE B 56 2.24 11.73 27.43
CA PHE B 56 2.67 11.92 26.05
C PHE B 56 3.49 10.73 25.58
N GLN B 57 3.37 10.41 24.31
CA GLN B 57 4.31 9.47 23.71
C GLN B 57 4.97 10.03 22.47
N LEU B 58 6.29 10.11 22.52
CA LEU B 58 7.06 10.69 21.43
C LEU B 58 7.73 9.56 20.65
N TYR B 59 7.58 9.58 19.33
CA TYR B 59 8.33 8.66 18.48
C TYR B 59 9.26 9.46 17.60
N VAL B 60 10.55 9.13 17.69
CA VAL B 60 11.56 9.76 16.88
C VAL B 60 12.05 8.76 15.85
N GLN B 61 11.97 9.10 14.58
CA GLN B 61 12.51 8.21 13.56
C GLN B 61 14.02 8.23 13.68
N GLU B 62 14.57 7.12 14.15
CA GLU B 62 16.02 6.94 14.19
C GLU B 62 16.38 5.85 13.21
N SER B 63 17.18 6.20 12.21
CA SER B 63 17.58 5.25 11.17
C SER B 63 16.48 4.26 10.76
N LEU B 64 15.36 4.81 10.28
CA LEU B 64 14.33 4.03 9.60
C LEU B 64 13.43 3.20 10.52
N GLU B 65 13.62 3.36 11.83
CA GLU B 65 12.70 2.81 12.82
C GLU B 65 12.38 3.88 13.84
N TYR B 66 11.31 3.69 14.61
CA TYR B 66 10.94 4.69 15.60
C TYR B 66 11.27 4.27 17.04
N LYS B 67 11.91 5.16 17.79
CA LYS B 67 12.12 4.94 19.21
C LYS B 67 11.08 5.71 20.00
N LEU B 68 10.50 5.07 21.00
CA LEU B 68 9.47 5.68 21.81
C LEU B 68 10.09 6.32 23.04
N TYR B 69 9.85 7.62 23.21
CA TYR B 69 10.16 8.35 24.43
C TYR B 69 8.90 8.68 25.24
N THR B 70 9.10 8.82 26.56
CA THR B 70 8.04 8.80 27.54
C THR B 70 8.61 9.50 28.75
N SER B 71 7.77 9.84 29.73
CA SER B 71 8.31 10.42 30.94
C SER B 71 9.43 9.54 31.50
N ALA B 72 9.44 8.26 31.12
CA ALA B 72 10.47 7.36 31.58
C ALA B 72 11.80 7.47 30.79
N ASN B 73 11.74 7.87 29.52
CA ASN B 73 12.94 8.01 28.73
C ASN B 73 13.44 9.42 28.84
N LEU B 74 12.50 10.35 28.77
CA LEU B 74 12.79 11.75 28.53
C LEU B 74 12.25 12.53 29.71
N LYS B 75 12.90 13.63 30.06
CA LYS B 75 12.50 14.35 31.28
C LYS B 75 12.07 15.81 31.05
N LEU B 76 10.83 16.12 31.43
CA LEU B 76 10.28 17.46 31.21
C LEU B 76 10.15 18.28 32.49
N GLN B 77 10.10 19.59 32.33
CA GLN B 77 9.91 20.53 33.43
C GLN B 77 8.45 20.63 33.85
N ASP B 78 8.21 20.78 35.14
CA ASP B 78 6.84 20.85 35.66
C ASP B 78 5.97 21.97 35.04
N ASP B 79 6.58 23.05 34.57
CA ASP B 79 5.79 24.16 34.09
C ASP B 79 5.63 24.22 32.56
N TRP B 80 6.15 23.20 31.88
CA TRP B 80 6.16 23.22 30.42
C TRP B 80 4.78 22.99 29.83
N LEU B 81 4.52 23.64 28.70
CA LEU B 81 3.38 23.32 27.85
C LEU B 81 3.96 22.92 26.52
N LEU B 82 3.11 22.56 25.56
CA LEU B 82 3.59 22.03 24.28
C LEU B 82 4.69 22.89 23.65
N GLU B 83 4.46 24.20 23.58
CA GLU B 83 5.43 25.12 23.02
C GLU B 83 6.80 24.96 23.67
N ASP B 84 6.84 24.82 24.99
CA ASP B 84 8.11 24.60 25.68
C ASP B 84 8.73 23.27 25.30
N PHE B 85 7.95 22.22 25.50
CA PHE B 85 8.38 20.88 25.18
C PHE B 85 9.03 20.89 23.80
N LEU B 86 8.38 21.52 22.83
CA LEU B 86 8.82 21.43 21.45
C LEU B 86 10.16 22.09 21.12
N ASP B 87 10.36 23.33 21.54
CA ASP B 87 11.61 23.99 21.19
C ASP B 87 12.73 23.50 22.12
N HIS B 88 12.34 22.80 23.18
CA HIS B 88 13.31 22.09 24.00
C HIS B 88 13.74 20.73 23.44
N LEU B 89 12.90 20.16 22.58
CA LEU B 89 13.10 18.79 22.13
C LEU B 89 14.50 18.50 21.62
N PRO B 90 15.03 19.38 20.75
CA PRO B 90 16.36 19.13 20.17
C PRO B 90 17.47 19.05 21.22
N LYS B 91 17.23 19.62 22.38
CA LYS B 91 18.27 19.71 23.40
C LYS B 91 18.23 18.56 24.39
N ILE B 92 17.05 18.04 24.69
CA ILE B 92 16.94 16.95 25.67
C ILE B 92 16.92 15.57 25.03
N LEU B 93 16.58 15.53 23.74
CA LEU B 93 16.69 14.30 22.99
C LEU B 93 18.14 13.89 22.84
N PRO B 94 18.41 12.59 22.96
CA PRO B 94 19.73 12.05 22.68
C PRO B 94 20.22 12.57 21.33
N ALA B 95 21.50 12.92 21.23
CA ALA B 95 22.06 13.41 19.98
C ALA B 95 21.88 12.35 18.90
N GLN B 96 21.42 12.77 17.72
CA GLN B 96 21.20 11.82 16.64
C GLN B 96 22.51 11.38 16.01
N LYS B 97 22.52 10.17 15.46
CA LYS B 97 23.75 9.51 15.01
C LYS B 97 24.27 10.04 13.68
N ALA B 98 25.54 9.78 13.39
CA ALA B 98 26.16 10.23 12.14
C ALA B 98 26.61 9.06 11.26
N PRO B 99 26.06 9.00 10.03
CA PRO B 99 26.31 7.91 9.08
C PRO B 99 27.81 7.66 8.83
N THR B 100 28.32 6.59 9.43
CA THR B 100 29.72 6.19 9.24
C THR B 100 29.97 5.69 7.82
N VAL B 101 31.23 5.44 7.48
CA VAL B 101 31.58 4.90 6.16
C VAL B 101 32.53 3.70 6.31
N PRO B 102 32.58 2.83 5.29
CA PRO B 102 33.34 1.57 5.37
C PRO B 102 34.85 1.78 5.33
N GLU B 104 38.66 3.86 3.20
CA GLU B 104 38.41 2.42 3.33
C GLU B 104 39.64 1.59 2.95
N LEU B 105 39.46 0.68 2.00
CA LEU B 105 40.56 -0.16 1.54
C LEU B 105 41.56 0.64 0.72
N CYS B 106 42.80 0.67 1.19
CA CYS B 106 43.88 1.39 0.50
C CYS B 106 43.90 1.16 -1.02
N ARG B 107 44.77 1.90 -1.69
CA ARG B 107 44.97 1.83 -3.14
C ARG B 107 43.83 2.49 -3.91
N GLU B 108 42.65 2.50 -3.30
CA GLU B 108 41.47 3.05 -3.98
C GLU B 108 41.34 2.39 -5.34
N GLY B 109 41.16 1.07 -5.33
CA GLY B 109 41.04 0.29 -6.54
C GLY B 109 39.97 0.83 -7.46
N ASN B 110 39.76 0.14 -8.58
CA ASN B 110 38.84 0.61 -9.60
C ASN B 110 37.60 -0.26 -9.67
N ILE B 111 36.42 0.36 -9.61
CA ILE B 111 35.18 -0.39 -9.60
C ILE B 111 34.85 -1.12 -10.90
N TYR B 112 35.05 -0.46 -12.04
CA TYR B 112 34.79 -1.09 -13.33
C TYR B 112 35.61 -2.35 -13.44
N TYR B 113 36.86 -2.27 -13.02
CA TYR B 113 37.68 -3.46 -12.96
C TYR B 113 37.04 -4.48 -12.01
N ASP B 114 36.51 -4.02 -10.88
CA ASP B 114 35.92 -4.92 -9.88
C ASP B 114 34.70 -5.66 -10.40
N ILE B 115 33.91 -4.98 -11.24
CA ILE B 115 32.77 -5.62 -11.85
C ILE B 115 33.24 -6.77 -12.76
N LEU B 116 34.15 -6.49 -13.67
CA LEU B 116 34.72 -7.50 -14.55
C LEU B 116 35.26 -8.66 -13.75
N ALA B 117 35.72 -8.37 -12.55
CA ALA B 117 36.32 -9.37 -11.69
C ALA B 117 35.27 -10.34 -11.18
N LEU B 118 34.03 -9.86 -11.10
CA LEU B 118 32.94 -10.66 -10.56
C LEU B 118 31.97 -11.12 -11.65
N TYR B 119 32.17 -10.63 -12.85
CA TYR B 119 31.18 -10.83 -13.90
C TYR B 119 30.89 -12.30 -14.17
N LYS B 120 31.94 -13.11 -14.36
CA LYS B 120 31.74 -14.53 -14.61
C LYS B 120 31.74 -15.33 -13.30
N SER B 121 30.69 -16.13 -13.10
CA SER B 121 30.54 -16.90 -11.88
C SER B 121 29.34 -17.84 -11.97
N ASN B 122 29.48 -19.05 -11.43
CA ASN B 122 28.41 -20.03 -11.44
C ASN B 122 27.41 -19.84 -10.32
N GLU B 123 27.71 -18.92 -9.41
CA GLU B 123 26.92 -18.79 -8.20
C GLU B 123 25.84 -17.69 -8.27
N TYR B 124 25.89 -16.89 -9.33
CA TYR B 124 24.94 -15.78 -9.50
C TYR B 124 25.13 -15.19 -10.86
N CYS B 125 24.07 -14.66 -11.47
CA CYS B 125 24.27 -13.85 -12.68
C CYS B 125 24.36 -12.37 -12.30
N LEU B 126 25.30 -11.65 -12.90
CA LEU B 126 25.53 -10.24 -12.59
C LEU B 126 25.25 -9.39 -13.82
N GLN B 127 24.28 -8.49 -13.71
CA GLN B 127 23.78 -7.72 -14.86
C GLN B 127 24.21 -6.27 -14.73
N VAL B 128 24.66 -5.68 -15.84
CA VAL B 128 25.08 -4.28 -15.85
C VAL B 128 24.15 -3.41 -16.70
N ASP B 129 23.60 -2.37 -16.09
CA ASP B 129 22.68 -1.46 -16.77
C ASP B 129 23.45 -0.58 -17.73
N GLU B 130 22.76 -0.06 -18.74
CA GLU B 130 23.42 0.78 -19.71
C GLU B 130 24.02 2.02 -19.08
N ALA B 131 25.15 2.46 -19.62
CA ALA B 131 25.94 3.52 -19.04
C ALA B 131 26.61 3.01 -17.78
N CYS B 132 26.34 1.75 -17.43
CA CYS B 132 26.82 1.16 -16.17
C CYS B 132 26.57 2.07 -14.95
N SER B 133 25.32 2.49 -14.80
CA SER B 133 24.94 3.38 -13.71
C SER B 133 24.53 2.56 -12.51
N MET B 134 24.32 1.27 -12.73
CA MET B 134 23.83 0.37 -11.69
C MET B 134 24.06 -1.09 -12.06
N ILE B 135 24.25 -1.94 -11.07
CA ILE B 135 24.38 -3.37 -11.32
C ILE B 135 23.40 -4.18 -10.50
N ARG B 136 23.19 -5.44 -10.90
CA ARG B 136 22.24 -6.29 -10.22
C ARG B 136 22.67 -7.75 -10.15
N PHE B 137 22.85 -8.23 -8.93
CA PHE B 137 23.10 -9.64 -8.67
C PHE B 137 21.78 -10.40 -8.60
N SER B 138 21.76 -11.62 -9.09
CA SER B 138 20.54 -12.41 -9.10
C SER B 138 20.84 -13.87 -9.33
N GLU B 139 19.80 -14.69 -9.31
CA GLU B 139 19.97 -16.12 -9.46
C GLU B 139 21.07 -16.64 -8.53
N PHE B 140 21.11 -16.16 -7.29
CA PHE B 140 22.07 -16.68 -6.33
C PHE B 140 21.80 -18.16 -6.15
N THR B 141 22.87 -18.94 -6.09
CA THR B 141 22.77 -20.36 -5.82
C THR B 141 22.09 -20.63 -4.49
N ASP B 142 21.10 -21.52 -4.50
CA ASP B 142 20.35 -21.89 -3.30
C ASP B 142 19.37 -20.80 -2.88
N PHE B 143 19.34 -19.72 -3.63
CA PHE B 143 18.46 -18.60 -3.33
C PHE B 143 18.06 -17.92 -4.63
N GLU B 144 17.79 -18.73 -5.64
CA GLU B 144 17.55 -18.22 -6.98
C GLU B 144 16.51 -17.10 -7.04
N GLN B 145 15.71 -16.95 -5.98
CA GLN B 145 14.66 -15.93 -5.98
C GLN B 145 15.18 -14.56 -5.57
N HIS B 146 16.34 -14.53 -4.92
CA HIS B 146 16.87 -13.30 -4.37
C HIS B 146 17.69 -12.49 -5.37
N TYR B 147 17.90 -11.22 -5.04
CA TYR B 147 18.61 -10.30 -5.90
C TYR B 147 19.07 -9.07 -5.13
N LEU B 148 20.03 -8.35 -5.67
CA LEU B 148 20.61 -7.19 -5.02
C LEU B 148 20.99 -6.17 -6.07
N GLU B 149 20.61 -4.91 -5.86
CA GLU B 149 20.92 -3.84 -6.81
C GLU B 149 21.70 -2.73 -6.13
N LEU B 150 22.81 -2.33 -6.73
CA LEU B 150 23.59 -1.23 -6.19
C LEU B 150 23.77 -0.17 -7.26
N LYS B 151 23.84 1.09 -6.84
CA LYS B 151 24.22 2.17 -7.75
C LYS B 151 25.73 2.20 -8.03
N ILE B 152 26.10 2.64 -9.22
CA ILE B 152 27.50 2.72 -9.60
C ILE B 152 27.86 4.19 -9.84
N PRO B 153 28.99 4.64 -9.26
CA PRO B 153 29.96 3.90 -8.42
C PRO B 153 29.75 4.13 -6.94
N SER B 154 28.69 4.87 -6.61
CA SER B 154 28.19 5.03 -5.25
C SER B 154 28.32 3.76 -4.42
N LEU B 155 27.79 2.66 -4.96
CA LEU B 155 27.58 1.41 -4.19
C LEU B 155 26.41 1.60 -3.22
N LEU B 156 25.55 2.54 -3.56
CA LEU B 156 24.34 2.82 -2.81
C LEU B 156 23.28 1.76 -3.07
N LEU B 157 22.67 1.27 -2.01
CA LEU B 157 21.66 0.22 -2.12
C LEU B 157 20.40 0.69 -2.82
N LEU B 158 20.08 0.04 -3.94
CA LEU B 158 18.81 0.25 -4.62
C LEU B 158 17.85 -0.85 -4.19
N ASP B 159 17.13 -1.46 -5.12
CA ASP B 159 16.23 -2.56 -4.76
C ASP B 159 16.98 -3.80 -4.24
N HIS B 160 16.24 -4.75 -3.68
CA HIS B 160 16.79 -6.04 -3.23
C HIS B 160 15.65 -6.89 -2.66
N SER B 161 15.88 -8.19 -2.53
CA SER B 161 14.90 -9.05 -1.84
C SER B 161 15.07 -8.83 -0.35
N LEU B 162 14.76 -9.82 0.49
CA LEU B 162 14.85 -9.61 1.95
C LEU B 162 13.76 -8.70 2.49
N PRO B 163 13.15 -9.09 3.61
CA PRO B 163 12.12 -8.27 4.23
C PRO B 163 12.60 -6.83 4.33
N ASP B 164 11.70 -5.88 4.06
CA ASP B 164 12.02 -4.46 4.06
C ASP B 164 12.48 -3.94 5.42
N CYS B 165 12.21 -4.70 6.47
CA CYS B 165 12.54 -4.30 7.83
C CYS B 165 14.01 -4.49 8.14
N VAL B 166 14.73 -5.17 7.25
CA VAL B 166 16.16 -5.40 7.44
C VAL B 166 16.96 -4.15 7.10
N SER B 167 17.91 -3.79 7.95
CA SER B 167 18.68 -2.56 7.74
C SER B 167 19.89 -2.78 6.85
N LEU B 168 19.67 -3.45 5.73
CA LEU B 168 20.70 -3.78 4.77
C LEU B 168 21.48 -2.56 4.31
N GLY B 169 20.74 -1.50 3.95
CA GLY B 169 21.38 -0.28 3.51
C GLY B 169 22.42 0.12 4.53
N GLU B 170 21.97 0.36 5.75
CA GLU B 170 22.85 0.74 6.85
C GLU B 170 24.03 -0.22 6.98
N MET B 171 23.75 -1.52 6.91
CA MET B 171 24.80 -2.50 7.08
C MET B 171 25.85 -2.30 6.01
N LEU B 172 25.41 -2.15 4.77
CA LEU B 172 26.34 -1.97 3.66
C LEU B 172 27.25 -0.76 3.85
N THR B 173 26.66 0.42 4.01
CA THR B 173 27.47 1.62 4.19
C THR B 173 28.53 1.41 5.25
N LYS B 174 28.14 0.90 6.41
CA LYS B 174 29.09 0.81 7.52
C LYS B 174 30.08 -0.36 7.37
N SER B 175 29.63 -1.49 6.82
CA SER B 175 30.44 -2.73 6.88
C SER B 175 31.03 -3.21 5.54
N ALA B 176 30.69 -2.56 4.43
CA ALA B 176 31.11 -3.03 3.11
C ALA B 176 31.91 -1.97 2.37
N GLY B 177 33.20 -2.22 2.20
CA GLY B 177 34.10 -1.28 1.57
C GLY B 177 34.05 -1.24 0.06
N ASN B 178 34.21 -2.40 -0.57
CA ASN B 178 34.21 -2.50 -2.03
C ASN B 178 33.07 -3.38 -2.53
N LEU B 179 32.94 -3.49 -3.85
CA LEU B 179 31.84 -4.25 -4.46
C LEU B 179 31.83 -5.70 -4.02
N GLU B 180 33.00 -6.33 -3.99
CA GLU B 180 33.07 -7.71 -3.54
C GLU B 180 32.63 -7.88 -2.09
N GLU B 181 33.00 -6.92 -1.24
CA GLU B 181 32.61 -6.97 0.16
C GLU B 181 31.10 -6.86 0.28
N ALA B 182 30.50 -6.03 -0.58
CA ALA B 182 29.07 -5.88 -0.62
C ALA B 182 28.42 -7.22 -0.95
N LEU B 183 28.86 -7.82 -2.05
CA LEU B 183 28.27 -9.08 -2.51
C LEU B 183 28.24 -10.09 -1.37
N ASN B 184 29.34 -10.18 -0.66
CA ASN B 184 29.49 -11.20 0.34
C ASN B 184 28.70 -10.94 1.62
N LEU B 185 28.68 -9.68 2.06
CA LEU B 185 27.81 -9.30 3.17
C LEU B 185 26.38 -9.75 2.87
N PHE B 186 25.97 -9.60 1.62
CA PHE B 186 24.63 -9.96 1.21
C PHE B 186 24.44 -11.48 1.28
N ARG B 187 25.37 -12.22 0.70
CA ARG B 187 25.25 -13.67 0.67
C ARG B 187 25.34 -14.23 2.07
N LYS B 188 26.07 -13.53 2.93
CA LYS B 188 26.10 -13.84 4.35
C LYS B 188 24.67 -13.85 4.91
N LEU B 189 23.95 -12.73 4.76
CA LEU B 189 22.60 -12.62 5.30
C LEU B 189 21.72 -13.73 4.74
N LEU B 190 21.89 -14.02 3.47
CA LEU B 190 21.15 -15.09 2.82
C LEU B 190 21.30 -16.38 3.59
N GLU B 191 22.52 -16.72 3.97
CA GLU B 191 22.78 -17.93 4.76
C GLU B 191 22.11 -17.83 6.11
N ASP B 192 22.31 -16.69 6.77
CA ASP B 192 21.65 -16.38 8.02
C ASP B 192 20.14 -16.51 7.88
N LEU B 193 19.64 -16.28 6.67
CA LEU B 193 18.19 -16.26 6.47
C LEU B 193 17.56 -17.58 6.06
N ARG B 194 18.37 -18.61 5.82
CA ARG B 194 17.80 -19.85 5.31
C ARG B 194 16.73 -20.44 6.25
N PRO B 195 16.97 -20.42 7.57
CA PRO B 195 15.95 -20.97 8.46
C PRO B 195 14.61 -20.23 8.36
N PHE B 196 14.67 -18.90 8.27
CA PHE B 196 13.48 -18.08 8.03
C PHE B 196 12.80 -18.54 6.75
N TYR B 197 13.59 -18.69 5.69
CA TYR B 197 13.04 -19.02 4.38
C TYR B 197 12.59 -20.45 4.26
N ASP B 198 13.40 -21.37 4.78
CA ASP B 198 13.06 -22.80 4.81
C ASP B 198 11.74 -23.01 5.53
N ASN B 199 11.54 -22.27 6.61
CA ASN B 199 10.37 -22.45 7.45
C ASN B 199 9.09 -22.14 6.71
N PHE B 200 9.11 -21.05 5.94
CA PHE B 200 7.95 -20.67 5.14
C PHE B 200 7.73 -21.62 3.93
N MET B 201 8.81 -22.28 3.51
CA MET B 201 8.76 -23.31 2.45
C MET B 201 7.62 -24.28 2.66
N ASP B 202 7.60 -24.93 3.82
CA ASP B 202 6.59 -25.94 4.13
C ASP B 202 5.19 -25.33 4.23
N ILE B 203 5.10 -24.17 4.85
CA ILE B 203 3.81 -23.55 5.07
C ILE B 203 3.20 -23.15 3.74
N ASP B 204 4.04 -22.63 2.85
CA ASP B 204 3.60 -22.22 1.54
C ASP B 204 3.12 -23.39 0.67
N GLU B 205 3.79 -24.54 0.78
CA GLU B 205 3.43 -25.71 -0.03
C GLU B 205 2.33 -26.59 0.56
N LEU B 206 2.23 -26.63 1.88
CA LEU B 206 1.34 -27.58 2.55
C LEU B 206 0.18 -26.93 3.28
N CYS B 207 0.17 -25.60 3.29
CA CYS B 207 -0.96 -24.86 3.82
C CYS B 207 -1.58 -24.05 2.69
N HIS B 208 -2.86 -23.71 2.86
CA HIS B 208 -3.55 -22.88 1.87
C HIS B 208 -3.46 -21.39 2.27
N VAL B 209 -2.41 -20.73 1.78
CA VAL B 209 -2.09 -19.37 2.24
C VAL B 209 -2.97 -18.34 1.58
N LEU B 210 -3.82 -17.67 2.36
CA LEU B 210 -4.76 -16.68 1.83
C LEU B 210 -4.17 -15.27 1.69
N GLN B 211 -3.23 -14.93 2.56
CA GLN B 211 -2.59 -13.62 2.55
C GLN B 211 -1.20 -13.74 3.14
N PRO B 212 -0.20 -13.09 2.49
CA PRO B 212 -0.30 -12.16 1.37
C PRO B 212 -0.83 -12.83 0.10
N SER B 213 -1.62 -12.11 -0.68
CA SER B 213 -2.17 -12.72 -1.88
C SER B 213 -1.02 -13.17 -2.76
N PRO B 214 -0.15 -12.23 -3.16
CA PRO B 214 1.07 -12.66 -3.83
C PRO B 214 2.20 -12.70 -2.83
N ILE B 215 2.70 -13.89 -2.55
CA ILE B 215 3.76 -14.14 -1.59
C ILE B 215 5.13 -13.75 -2.19
N SER B 216 5.97 -13.07 -1.41
CA SER B 216 7.30 -12.68 -1.89
C SER B 216 8.41 -12.92 -0.86
N SER B 217 9.66 -12.84 -1.32
CA SER B 217 10.80 -13.06 -0.44
C SER B 217 10.77 -12.10 0.74
N LYS B 218 9.87 -11.12 0.65
CA LYS B 218 9.83 -9.99 1.60
C LYS B 218 8.84 -10.16 2.75
N HIS B 219 7.76 -10.87 2.49
CA HIS B 219 6.72 -11.08 3.48
C HIS B 219 7.19 -11.88 4.69
N LYS B 220 7.01 -11.32 5.89
CA LYS B 220 7.33 -12.03 7.13
C LYS B 220 6.09 -12.70 7.74
N THR B 221 5.07 -12.91 6.93
CA THR B 221 3.79 -13.35 7.45
C THR B 221 3.18 -14.49 6.65
N ARG B 222 2.17 -15.13 7.23
CA ARG B 222 1.33 -16.05 6.48
C ARG B 222 0.01 -16.36 7.17
N LEU B 223 -1.09 -16.15 6.44
CA LEU B 223 -2.41 -16.46 6.96
C LEU B 223 -3.00 -17.65 6.21
N PHE B 224 -3.36 -18.69 6.94
CA PHE B 224 -3.92 -19.86 6.30
C PHE B 224 -5.01 -20.45 7.18
N PRO B 225 -5.90 -21.26 6.59
CA PRO B 225 -7.02 -21.81 7.36
C PRO B 225 -6.58 -23.02 8.16
N LEU B 226 -7.12 -23.14 9.38
CA LEU B 226 -6.80 -24.23 10.29
C LEU B 226 -7.84 -25.33 10.16
N LYS B 227 -9.08 -24.89 10.03
CA LYS B 227 -10.22 -25.75 9.75
C LYS B 227 -11.32 -24.85 9.22
N ASP B 228 -12.50 -25.42 9.01
CA ASP B 228 -13.63 -24.63 8.57
C ASP B 228 -13.84 -23.47 9.55
N ARG B 229 -13.97 -22.26 9.02
CA ARG B 229 -14.31 -21.08 9.81
C ARG B 229 -13.20 -20.53 10.72
N VAL B 230 -12.05 -21.18 10.73
CA VAL B 230 -11.00 -20.75 11.63
C VAL B 230 -9.68 -20.55 10.92
N TYR B 231 -9.18 -19.32 10.92
CA TYR B 231 -7.89 -19.05 10.33
C TYR B 231 -6.82 -18.92 11.39
N LEU B 232 -5.58 -19.16 10.99
CA LEU B 232 -4.45 -19.13 11.89
C LEU B 232 -3.42 -18.25 11.21
N LYS B 233 -3.00 -17.19 11.87
CA LYS B 233 -2.04 -16.26 11.26
C LYS B 233 -0.64 -16.36 11.88
N LEU B 234 0.28 -16.95 11.11
CA LEU B 234 1.67 -17.07 11.54
C LEU B 234 2.43 -15.82 11.17
N THR B 235 3.19 -15.28 12.14
CA THR B 235 3.98 -14.09 11.87
C THR B 235 5.35 -14.11 12.57
N ILE B 236 6.39 -13.71 11.84
CA ILE B 236 7.76 -13.87 12.31
C ILE B 236 8.48 -12.55 12.36
N ALA B 237 8.52 -11.95 13.55
CA ALA B 237 9.02 -10.59 13.74
C ALA B 237 10.47 -10.41 13.30
N ASP B 238 11.32 -11.33 13.73
CA ASP B 238 12.75 -11.22 13.46
C ASP B 238 13.18 -12.36 12.56
N PRO B 239 13.47 -12.06 11.29
CA PRO B 239 13.85 -13.12 10.35
C PRO B 239 15.17 -13.81 10.73
N PHE B 240 15.96 -13.21 11.62
CA PHE B 240 17.22 -13.80 12.02
C PHE B 240 17.07 -14.58 13.32
N ALA B 241 15.97 -14.32 14.03
CA ALA B 241 15.67 -14.99 15.29
C ALA B 241 14.39 -15.74 15.05
N CYS B 242 14.44 -16.62 14.05
CA CYS B 242 13.25 -17.21 13.49
C CYS B 242 12.20 -17.68 14.49
N ILE B 243 12.59 -18.51 15.44
CA ILE B 243 11.60 -19.07 16.36
C ILE B 243 11.38 -18.22 17.62
N ALA B 244 12.43 -17.55 18.06
CA ALA B 244 12.33 -16.64 19.18
C ALA B 244 11.30 -15.56 18.90
N SER B 245 11.21 -15.14 17.64
CA SER B 245 10.34 -14.02 17.29
C SER B 245 9.05 -14.49 16.63
N MET B 246 8.78 -15.79 16.71
CA MET B 246 7.60 -16.37 16.11
C MET B 246 6.35 -16.03 16.91
N SER B 247 5.21 -15.99 16.23
CA SER B 247 3.97 -15.55 16.86
C SER B 247 2.74 -16.08 16.11
N LEU B 248 1.81 -16.67 16.86
CA LEU B 248 0.61 -17.25 16.26
C LEU B 248 -0.61 -16.51 16.77
N LYS B 249 -1.62 -16.39 15.92
CA LYS B 249 -2.89 -15.78 16.31
C LYS B 249 -4.06 -16.56 15.71
N ILE B 250 -4.99 -16.94 16.57
CA ILE B 250 -6.18 -17.67 16.14
C ILE B 250 -7.30 -16.70 15.77
N ILE B 251 -7.84 -16.88 14.57
CA ILE B 251 -8.85 -15.99 14.04
C ILE B 251 -10.07 -16.78 13.62
N GLY B 252 -11.22 -16.40 14.16
CA GLY B 252 -12.44 -17.13 13.89
C GLY B 252 -13.50 -16.82 14.92
N PRO B 253 -14.58 -17.62 14.94
CA PRO B 253 -15.70 -17.41 15.87
C PRO B 253 -15.25 -17.41 17.33
N THR B 254 -15.93 -16.63 18.15
CA THR B 254 -15.49 -16.32 19.51
C THR B 254 -15.09 -17.52 20.34
N GLU B 255 -15.95 -18.53 20.35
CA GLU B 255 -15.77 -19.73 21.15
C GLU B 255 -14.66 -20.63 20.60
N GLU B 256 -14.58 -20.70 19.27
CA GLU B 256 -13.49 -21.42 18.62
C GLU B 256 -12.18 -20.76 19.01
N VAL B 257 -12.14 -19.45 18.90
CA VAL B 257 -10.98 -18.69 19.27
C VAL B 257 -10.65 -18.98 20.72
N ALA B 258 -11.63 -18.78 21.59
CA ALA B 258 -11.47 -18.99 23.02
C ALA B 258 -10.91 -20.39 23.30
N ARG B 259 -11.56 -21.40 22.72
CA ARG B 259 -11.15 -22.79 22.88
C ARG B 259 -9.71 -22.99 22.43
N LEU B 260 -9.47 -22.72 21.15
CA LEU B 260 -8.17 -22.99 20.55
C LEU B 260 -7.05 -22.22 21.23
N ARG B 261 -7.35 -21.06 21.80
CA ARG B 261 -6.30 -20.25 22.44
C ARG B 261 -5.54 -21.05 23.49
N HIS B 262 -6.25 -21.96 24.16
CA HIS B 262 -5.64 -22.83 25.17
C HIS B 262 -4.69 -23.81 24.52
N VAL B 263 -5.15 -24.44 23.43
CA VAL B 263 -4.31 -25.35 22.67
C VAL B 263 -2.99 -24.66 22.33
N LEU B 264 -3.12 -23.41 21.89
CA LEU B 264 -1.98 -22.64 21.44
C LEU B 264 -0.93 -22.57 22.54
N SER B 265 -1.31 -22.06 23.71
CA SER B 265 -0.39 -21.98 24.85
C SER B 265 0.34 -23.30 25.05
N ASP B 266 -0.44 -24.35 25.34
CA ASP B 266 0.12 -25.68 25.55
C ASP B 266 1.09 -26.04 24.45
N GLY B 267 0.66 -25.83 23.20
CA GLY B 267 1.48 -26.18 22.05
C GLY B 267 2.84 -25.52 22.10
N LEU B 268 2.88 -24.27 22.53
CA LEU B 268 4.12 -23.54 22.64
C LEU B 268 5.01 -24.12 23.73
N SER B 269 4.39 -24.42 24.87
CA SER B 269 5.08 -25.03 25.99
C SER B 269 5.72 -26.35 25.60
N ASN B 270 5.05 -27.07 24.69
CA ASN B 270 5.54 -28.37 24.22
C ASN B 270 6.31 -28.27 22.91
N TRP B 271 6.82 -27.08 22.58
CA TRP B 271 7.44 -26.89 21.28
C TRP B 271 8.68 -27.78 21.12
N ASP B 272 8.66 -28.59 20.06
CA ASP B 272 9.79 -29.47 19.77
C ASP B 272 10.83 -28.76 18.91
N SER B 273 11.94 -28.37 19.53
CA SER B 273 12.94 -27.51 18.89
C SER B 273 13.60 -28.19 17.71
N GLU B 274 13.48 -29.51 17.65
CA GLU B 274 14.02 -30.27 16.53
C GLU B 274 12.99 -30.49 15.40
N MET B 275 12.00 -29.62 15.35
CA MET B 275 10.99 -29.65 14.29
C MET B 275 10.73 -28.23 13.83
N ASN B 276 10.54 -28.03 12.53
CA ASN B 276 10.24 -26.70 12.02
C ASN B 276 8.87 -26.22 12.48
N ILE B 277 8.44 -25.05 11.99
CA ILE B 277 7.18 -24.48 12.43
C ILE B 277 5.97 -25.26 11.93
N HIS B 278 6.01 -25.65 10.66
CA HIS B 278 4.88 -26.36 10.08
C HIS B 278 4.56 -27.61 10.87
N LYS B 279 5.54 -28.49 10.99
CA LYS B 279 5.30 -29.79 11.61
C LYS B 279 4.97 -29.59 13.07
N ASN B 280 5.55 -28.56 13.66
CA ASN B 280 5.26 -28.21 15.05
C ASN B 280 3.81 -27.73 15.22
N LEU B 281 3.27 -27.07 14.19
CA LEU B 281 1.88 -26.64 14.21
C LEU B 281 0.94 -27.81 14.03
N LEU B 282 1.34 -28.79 13.22
CA LEU B 282 0.54 -29.99 13.04
C LEU B 282 0.44 -30.69 14.38
N ARG B 283 1.59 -30.78 15.05
CA ARG B 283 1.68 -31.31 16.40
C ARG B 283 0.71 -30.56 17.29
N MET B 284 0.82 -29.24 17.26
CA MET B 284 0.06 -28.38 18.14
C MET B 284 -1.45 -28.61 18.09
N PHE B 285 -2.00 -28.69 16.88
CA PHE B 285 -3.45 -28.76 16.69
C PHE B 285 -3.94 -30.14 16.33
N ASP B 286 -3.08 -31.14 16.51
CA ASP B 286 -3.48 -32.52 16.28
C ASP B 286 -4.05 -32.68 14.87
N LEU B 287 -3.19 -32.48 13.87
CA LEU B 287 -3.58 -32.67 12.49
C LEU B 287 -2.48 -33.38 11.73
N CYS B 288 -2.82 -34.32 10.85
CA CYS B 288 -1.80 -34.93 10.01
C CYS B 288 -1.55 -34.00 8.80
N TYR B 289 -2.49 -33.08 8.55
CA TYR B 289 -2.32 -32.07 7.49
C TYR B 289 -3.26 -30.86 7.62
N PHE B 290 -2.84 -29.73 7.04
CA PHE B 290 -3.68 -28.54 7.04
C PHE B 290 -4.65 -28.51 5.87
N PRO B 291 -5.84 -27.92 6.07
CA PRO B 291 -6.89 -27.82 5.04
C PRO B 291 -6.35 -27.15 3.80
N MET B 292 -6.58 -27.75 2.64
CA MET B 292 -6.03 -27.21 1.40
C MET B 292 -6.82 -27.76 0.21
N PRO B 293 -7.06 -26.92 -0.82
CA PRO B 293 -7.85 -27.40 -1.95
C PRO B 293 -7.14 -28.56 -2.60
N ASP B 294 -7.90 -29.56 -3.04
CA ASP B 294 -7.31 -30.75 -3.64
C ASP B 294 -8.28 -31.29 -4.68
N TRP B 295 -7.76 -31.91 -5.72
CA TRP B 295 -8.61 -32.42 -6.79
C TRP B 295 -9.69 -33.34 -6.24
N SER B 296 -9.37 -34.00 -5.13
CA SER B 296 -10.30 -34.93 -4.50
C SER B 296 -11.53 -34.23 -3.89
N ASP B 297 -11.57 -32.91 -3.94
CA ASP B 297 -12.76 -32.17 -3.52
C ASP B 297 -13.85 -32.30 -4.58
N GLY B 298 -13.51 -32.97 -5.69
CA GLY B 298 -14.41 -33.11 -6.81
C GLY B 298 -14.64 -31.77 -7.48
N PRO B 299 -15.58 -31.71 -8.43
CA PRO B 299 -15.97 -30.42 -8.98
C PRO B 299 -16.83 -29.76 -7.93
N LYS B 300 -16.67 -28.48 -7.66
CA LYS B 300 -17.67 -27.84 -6.82
C LYS B 300 -18.80 -27.35 -7.73
N LEU B 301 -19.45 -28.33 -8.36
CA LEU B 301 -20.71 -28.09 -9.04
C LEU B 301 -21.71 -27.70 -7.97
N ASP B 302 -21.42 -28.11 -6.73
CA ASP B 302 -22.25 -27.78 -5.57
C ASP B 302 -23.05 -26.53 -5.84
N GLU B 303 -24.37 -26.63 -5.72
CA GLU B 303 -25.20 -25.44 -5.80
C GLU B 303 -25.04 -24.62 -4.53
N GLU B 304 -23.78 -24.41 -4.17
CA GLU B 304 -23.41 -23.50 -3.09
C GLU B 304 -24.10 -22.18 -3.40
N ASP B 305 -24.30 -21.95 -4.69
CA ASP B 305 -24.92 -20.74 -5.18
C ASP B 305 -24.28 -19.57 -4.43
N ASN B 306 -24.98 -19.06 -3.43
CA ASN B 306 -24.50 -17.93 -2.64
C ASN B 306 -23.52 -17.10 -3.47
N GLU B 307 -23.92 -16.84 -4.70
CA GLU B 307 -23.04 -16.23 -5.71
C GLU B 307 -22.18 -15.11 -5.15
N GLU B 308 -22.67 -14.41 -4.14
CA GLU B 308 -21.88 -13.34 -3.55
C GLU B 308 -20.98 -13.81 -2.43
N LEU B 309 -19.69 -13.59 -2.63
CA LEU B 309 -18.70 -13.67 -1.58
C LEU B 309 -17.80 -12.46 -1.69
N ARG B 310 -18.41 -11.30 -1.96
CA ARG B 310 -17.68 -10.05 -2.12
C ARG B 310 -17.88 -9.09 -0.95
N CYS B 311 -16.87 -8.95 -0.11
CA CYS B 311 -16.99 -8.08 1.05
C CYS B 311 -18.45 -8.08 1.41
N ASN B 312 -19.06 -6.90 1.31
CA ASN B 312 -20.47 -6.70 1.58
C ASN B 312 -20.64 -5.26 1.99
N ILE B 313 -19.56 -4.53 1.79
CA ILE B 313 -19.44 -3.13 2.09
C ILE B 313 -18.78 -2.50 0.87
N CYS B 314 -17.67 -3.08 0.44
CA CYS B 314 -17.01 -2.64 -0.80
C CYS B 314 -17.63 -3.31 -2.02
N PHE B 315 -18.30 -4.43 -1.79
CA PHE B 315 -18.89 -5.21 -2.89
C PHE B 315 -17.84 -5.74 -3.84
N ALA B 316 -16.60 -5.75 -3.36
CA ALA B 316 -15.48 -6.26 -4.12
C ALA B 316 -15.07 -7.60 -3.51
N TYR B 317 -14.44 -8.47 -4.30
CA TYR B 317 -13.88 -9.67 -3.71
C TYR B 317 -12.44 -9.45 -3.27
N ARG B 318 -11.54 -9.18 -4.22
CA ARG B 318 -10.13 -9.06 -3.86
C ARG B 318 -9.66 -7.63 -3.96
N LEU B 319 -9.12 -7.10 -2.87
CA LEU B 319 -8.68 -5.70 -2.88
C LEU B 319 -7.35 -5.51 -3.59
N ASP B 320 -6.99 -4.25 -3.84
CA ASP B 320 -5.75 -3.94 -4.54
C ASP B 320 -4.56 -4.60 -3.87
N GLY B 321 -4.75 -5.04 -2.63
CA GLY B 321 -3.68 -5.67 -1.87
C GLY B 321 -3.86 -7.16 -1.67
N GLY B 322 -4.89 -7.71 -2.31
CA GLY B 322 -5.18 -9.12 -2.20
C GLY B 322 -5.94 -9.50 -0.95
N GLU B 323 -6.43 -8.49 -0.22
CA GLU B 323 -7.28 -8.73 0.94
C GLU B 323 -8.58 -9.39 0.50
N VAL B 324 -9.08 -10.30 1.32
CA VAL B 324 -10.26 -11.07 0.98
C VAL B 324 -11.28 -11.12 2.13
N PRO B 325 -12.56 -11.29 1.78
CA PRO B 325 -13.65 -11.27 2.75
C PRO B 325 -13.60 -12.47 3.71
N LEU B 326 -13.02 -12.27 4.89
CA LEU B 326 -12.88 -13.35 5.87
C LEU B 326 -13.70 -13.12 7.12
N VAL B 327 -14.09 -11.87 7.36
CA VAL B 327 -14.77 -11.51 8.60
C VAL B 327 -16.17 -12.10 8.61
N SER B 328 -16.58 -12.69 9.74
CA SER B 328 -17.86 -13.38 9.81
C SER B 328 -18.33 -13.61 11.25
N CYS B 329 -19.57 -13.22 11.55
CA CYS B 329 -20.07 -13.32 12.93
C CYS B 329 -20.30 -14.76 13.33
N ASP B 330 -20.59 -14.98 14.61
CA ASP B 330 -20.76 -16.32 15.14
C ASP B 330 -21.98 -17.02 14.53
N ASN B 331 -22.93 -16.21 14.07
CA ASN B 331 -24.22 -16.71 13.58
C ASN B 331 -24.11 -17.40 12.23
N ALA B 332 -24.12 -18.73 12.24
CA ALA B 332 -24.01 -19.52 11.01
C ALA B 332 -25.03 -19.09 9.95
N LYS B 333 -26.20 -18.63 10.41
CA LYS B 333 -27.29 -18.29 9.51
C LYS B 333 -27.09 -16.89 8.95
N CYS B 334 -26.02 -16.26 9.40
CA CYS B 334 -25.73 -14.88 9.04
C CYS B 334 -25.05 -14.88 7.69
N VAL B 335 -25.67 -14.26 6.69
CA VAL B 335 -25.07 -14.22 5.37
C VAL B 335 -24.14 -13.02 5.25
N LEU B 336 -23.22 -12.86 6.18
CA LEU B 336 -22.33 -11.72 6.17
C LEU B 336 -20.88 -12.09 5.89
N LYS B 337 -20.26 -11.40 4.95
CA LYS B 337 -18.84 -11.58 4.69
C LYS B 337 -18.20 -10.19 4.56
N CYS B 338 -16.93 -10.05 4.92
CA CYS B 338 -16.40 -8.71 5.01
C CYS B 338 -14.89 -8.69 5.00
N HIS B 339 -14.31 -7.73 4.29
CA HIS B 339 -12.89 -7.44 4.43
C HIS B 339 -12.68 -6.78 5.79
N ALA B 340 -11.63 -7.17 6.50
CA ALA B 340 -11.35 -6.56 7.78
C ALA B 340 -11.20 -5.04 7.66
N VAL B 341 -10.50 -4.59 6.62
CA VAL B 341 -10.28 -3.16 6.46
C VAL B 341 -11.59 -2.47 6.21
N CYS B 342 -12.46 -3.10 5.45
CA CYS B 342 -13.79 -2.54 5.21
C CYS B 342 -14.54 -2.33 6.52
N LEU B 343 -14.01 -2.85 7.62
CA LEU B 343 -14.62 -2.69 8.94
C LEU B 343 -13.66 -2.11 9.96
N GLU B 344 -12.59 -1.51 9.48
CA GLU B 344 -11.48 -1.13 10.33
C GLU B 344 -11.90 -0.26 11.50
N GLU B 345 -12.73 0.75 11.22
CA GLU B 345 -13.19 1.63 12.29
C GLU B 345 -13.99 0.85 13.31
N TRP B 346 -15.08 0.23 12.85
CA TRP B 346 -15.90 -0.63 13.72
C TRP B 346 -15.04 -1.40 14.73
N PHE B 347 -13.94 -1.97 14.26
CA PHE B 347 -13.07 -2.77 15.11
C PHE B 347 -12.28 -1.93 16.11
N LYS B 348 -11.93 -0.71 15.74
CA LYS B 348 -11.19 0.15 16.65
C LYS B 348 -12.09 1.04 17.51
N THR B 349 -13.20 1.50 16.93
CA THR B 349 -14.21 2.24 17.71
C THR B 349 -14.92 1.35 18.74
N LEU B 350 -14.72 0.06 18.63
CA LEU B 350 -15.32 -0.89 19.57
C LEU B 350 -14.32 -1.26 20.66
N MET B 351 -13.12 -1.66 20.26
CA MET B 351 -12.16 -2.14 21.24
C MET B 351 -11.05 -1.14 21.51
N ASP B 352 -11.36 0.14 21.30
CA ASP B 352 -10.38 1.23 21.41
C ASP B 352 -9.48 1.13 22.65
N GLY B 353 -8.18 1.12 22.42
CA GLY B 353 -7.23 0.90 23.49
C GLY B 353 -7.37 -0.52 24.00
N LYS B 354 -8.43 -0.76 24.75
CA LYS B 354 -8.69 -2.07 25.36
C LYS B 354 -8.40 -3.26 24.45
N THR B 355 -7.78 -4.29 25.03
CA THR B 355 -7.31 -5.45 24.28
C THR B 355 -8.45 -6.35 23.82
N PHE B 356 -8.08 -7.43 23.13
CA PHE B 356 -9.03 -8.44 22.70
C PHE B 356 -9.76 -9.08 23.88
N LEU B 357 -9.02 -9.46 24.92
CA LEU B 357 -9.61 -10.20 26.03
C LEU B 357 -10.53 -9.33 26.89
N GLU B 358 -10.40 -8.02 26.73
CA GLU B 358 -11.30 -7.07 27.35
C GLU B 358 -12.49 -6.86 26.42
N VAL B 359 -12.25 -6.99 25.12
CA VAL B 359 -13.30 -6.88 24.11
C VAL B 359 -13.26 -8.03 23.11
N SER B 360 -13.72 -9.21 23.55
CA SER B 360 -13.70 -10.41 22.73
C SER B 360 -14.50 -10.25 21.44
N PHE B 361 -15.58 -9.48 21.50
CA PHE B 361 -16.51 -9.40 20.38
C PHE B 361 -17.27 -8.09 20.33
N GLY B 362 -18.07 -7.93 19.29
CA GLY B 362 -18.99 -6.84 19.17
C GLY B 362 -20.27 -7.43 18.61
N GLN B 363 -21.21 -6.59 18.20
CA GLN B 363 -22.46 -7.07 17.63
C GLN B 363 -22.41 -7.09 16.10
N CYS B 364 -22.71 -8.26 15.53
CA CYS B 364 -22.85 -8.38 14.07
C CYS B 364 -23.83 -7.31 13.59
N PRO B 365 -23.43 -6.48 12.64
CA PRO B 365 -24.29 -5.41 12.14
C PRO B 365 -25.46 -5.96 11.31
N PHE B 366 -25.44 -7.26 11.02
CA PHE B 366 -26.46 -7.89 10.19
C PHE B 366 -27.47 -8.70 10.98
N CYS B 367 -27.01 -9.37 12.04
CA CYS B 367 -27.88 -10.23 12.84
C CYS B 367 -27.75 -10.01 14.36
N LYS B 368 -26.87 -9.10 14.77
CA LYS B 368 -26.73 -8.73 16.18
C LYS B 368 -25.91 -9.72 17.04
N ALA B 369 -25.68 -10.93 16.53
CA ALA B 369 -24.94 -11.96 17.28
C ALA B 369 -23.47 -11.60 17.50
N LYS B 370 -22.79 -12.40 18.31
CA LYS B 370 -21.41 -12.11 18.67
C LYS B 370 -20.55 -12.09 17.43
N LEU B 371 -19.69 -11.09 17.32
CA LEU B 371 -18.72 -11.03 16.22
C LEU B 371 -17.32 -10.91 16.80
N SER B 372 -16.58 -12.01 16.76
CA SER B 372 -15.26 -12.06 17.39
C SER B 372 -14.36 -10.92 16.94
N THR B 373 -13.75 -10.22 17.89
CA THR B 373 -12.80 -9.17 17.53
C THR B 373 -11.43 -9.76 17.14
N SER B 374 -11.33 -11.09 17.07
CA SER B 374 -10.08 -11.70 16.66
C SER B 374 -9.72 -11.23 15.25
N PHE B 375 -10.71 -10.73 14.52
CA PHE B 375 -10.49 -10.30 13.15
C PHE B 375 -9.69 -9.03 13.06
N ALA B 376 -9.69 -8.24 14.11
CA ALA B 376 -8.91 -7.00 14.09
C ALA B 376 -7.44 -7.33 13.84
N ALA B 377 -7.10 -8.61 13.99
CA ALA B 377 -5.73 -9.09 13.77
C ALA B 377 -5.37 -8.98 12.31
N LEU B 378 -6.38 -9.00 11.46
CA LEU B 378 -6.16 -8.92 10.04
C LEU B 378 -5.81 -7.50 9.62
N LEU B 379 -6.11 -6.55 10.51
CA LEU B 379 -5.78 -5.15 10.24
C LEU B 379 -4.30 -4.88 10.44
N ASN B 380 -3.94 -3.61 10.52
CA ASN B 380 -2.55 -3.18 10.74
C ASN B 380 -1.58 -3.59 9.62
N ASP B 381 -1.59 -4.88 9.28
CA ASP B 381 -0.73 -5.43 8.23
C ASP B 381 -1.49 -5.59 6.90
#